data_1FWL
#
_entry.id   1FWL
#
_cell.length_a   61.993
_cell.length_b   128.721
_cell.length_c   109.423
_cell.angle_alpha   90.00
_cell.angle_beta   105.57
_cell.angle_gamma   90.00
#
_symmetry.space_group_name_H-M   'P 1 21 1'
#
loop_
_entity.id
_entity.type
_entity.pdbx_description
1 polymer 'HOMOSERINE KINASE'
2 water water
#
_entity_poly.entity_id   1
_entity_poly.type   'polypeptide(L)'
_entity_poly.pdbx_seq_one_letter_code
;MKVRVKAPCTSANLGVGFDVFGLCLKEPYDVIEVEAIDDKEIIIEVDDKNIPTDPDKNVAGIVAKKMIDDFNIGKGVKIT
IKKGVKAGSGLGSSAASSAGTAYAINELFKLNLDKLKLVDYASYGELASSGAKHADNVAPAIFGGFTMVTNYEPLEVLHI
PIDFKLDILIAIPNISINTKEAREILPKAVGLKDLVNNVGKACGMVYALYNKDKSLFGRYMMSDKVIEPVRGKLIPNYFK
IKEEVKDKVYGITISGSGPSIIAFPKEEFIDEVENILRDYYENTIRTEVGKGVEVV
;
_entity_poly.pdbx_strand_id   A,B,C,D
#
# COMPACT_ATOMS: atom_id res chain seq x y z
N MET A 1 -22.22 -27.86 -2.35
CA MET A 1 -22.02 -26.56 -3.05
C MET A 1 -22.42 -25.37 -2.16
N LYS A 2 -21.51 -24.97 -1.29
CA LYS A 2 -21.79 -23.85 -0.41
C LYS A 2 -20.53 -23.06 -0.09
N VAL A 3 -20.74 -21.90 0.53
CA VAL A 3 -19.65 -21.02 0.94
C VAL A 3 -20.06 -20.35 2.25
N ARG A 4 -19.09 -20.13 3.10
CA ARG A 4 -19.32 -19.51 4.38
C ARG A 4 -18.44 -18.28 4.45
N VAL A 5 -19.01 -17.20 4.96
CA VAL A 5 -18.33 -15.93 4.97
C VAL A 5 -18.50 -15.12 6.25
N LYS A 6 -17.48 -14.31 6.59
CA LYS A 6 -17.50 -13.38 7.74
C LYS A 6 -17.63 -12.00 7.08
N ALA A 7 -18.67 -11.23 7.43
CA ALA A 7 -18.93 -9.89 6.88
C ALA A 7 -18.90 -8.95 8.06
N PRO A 8 -17.89 -8.08 8.10
CA PRO A 8 -17.72 -7.14 9.19
C PRO A 8 -18.57 -5.89 9.25
N CYS A 9 -18.63 -5.38 10.48
CA CYS A 9 -19.31 -4.13 10.77
C CYS A 9 -18.34 -3.09 10.28
N THR A 10 -18.85 -1.88 10.14
CA THR A 10 -18.12 -0.76 9.62
C THR A 10 -18.59 0.51 10.33
N SER A 11 -17.72 1.52 10.30
CA SER A 11 -18.02 2.77 10.93
C SER A 11 -17.85 3.84 9.85
N ALA A 12 -18.97 4.50 9.52
CA ALA A 12 -19.00 5.52 8.49
C ALA A 12 -19.00 6.94 9.07
N ASN A 13 -18.85 7.92 8.16
CA ASN A 13 -18.83 9.35 8.44
C ASN A 13 -17.53 9.78 9.12
N LEU A 14 -17.18 9.18 10.24
CA LEU A 14 -15.95 9.55 10.94
C LEU A 14 -15.83 11.09 11.08
N GLY A 15 -16.80 11.67 11.76
CA GLY A 15 -16.77 13.11 12.01
C GLY A 15 -16.97 14.04 10.84
N VAL A 16 -15.90 14.35 10.08
CA VAL A 16 -15.99 15.28 8.94
C VAL A 16 -16.18 14.63 7.59
N GLY A 17 -16.32 13.30 7.57
CA GLY A 17 -16.52 12.63 6.30
C GLY A 17 -17.92 12.09 6.01
N PHE A 18 -18.93 12.76 6.56
CA PHE A 18 -20.33 12.34 6.37
C PHE A 18 -20.65 11.88 4.96
N ASP A 19 -21.15 10.65 4.84
CA ASP A 19 -21.53 10.05 3.56
C ASP A 19 -20.35 9.78 2.60
N VAL A 20 -19.13 9.95 3.09
CA VAL A 20 -17.99 9.64 2.22
C VAL A 20 -17.08 8.57 2.87
N PHE A 21 -16.58 8.88 4.08
CA PHE A 21 -15.64 8.01 4.78
C PHE A 21 -16.27 6.75 5.37
N GLY A 22 -15.46 5.69 5.39
CA GLY A 22 -15.86 4.42 5.97
C GLY A 22 -14.63 3.67 6.47
N LEU A 23 -14.69 3.11 7.68
CA LEU A 23 -13.60 2.36 8.22
C LEU A 23 -14.13 0.95 8.55
N CYS A 24 -13.44 -0.05 8.04
CA CYS A 24 -13.84 -1.41 8.29
C CYS A 24 -13.36 -1.89 9.64
N LEU A 25 -14.25 -2.54 10.40
CA LEU A 25 -13.88 -3.05 11.71
C LEU A 25 -13.59 -4.55 11.58
N LYS A 26 -12.84 -5.13 12.52
CA LYS A 26 -12.56 -6.56 12.46
C LYS A 26 -13.75 -7.28 13.11
N GLU A 27 -14.25 -6.70 14.21
CA GLU A 27 -15.41 -7.22 14.93
C GLU A 27 -16.27 -6.01 15.29
N PRO A 28 -17.60 -6.18 15.41
CA PRO A 28 -18.33 -7.43 15.21
C PRO A 28 -18.52 -7.74 13.73
N TYR A 29 -19.03 -8.92 13.45
CA TYR A 29 -19.27 -9.33 12.07
C TYR A 29 -20.45 -10.28 11.98
N ASP A 30 -20.98 -10.43 10.78
CA ASP A 30 -22.07 -11.37 10.52
C ASP A 30 -21.38 -12.62 9.96
N VAL A 31 -21.92 -13.81 10.24
CA VAL A 31 -21.37 -15.02 9.65
C VAL A 31 -22.47 -15.45 8.67
N ILE A 32 -22.14 -15.64 7.41
CA ILE A 32 -23.19 -15.95 6.46
C ILE A 32 -22.84 -17.14 5.60
N GLU A 33 -23.76 -18.10 5.51
CA GLU A 33 -23.52 -19.26 4.68
C GLU A 33 -24.51 -19.20 3.53
N VAL A 34 -24.02 -19.47 2.34
CA VAL A 34 -24.88 -19.50 1.17
C VAL A 34 -24.70 -20.88 0.53
N GLU A 35 -25.83 -21.51 0.23
CA GLU A 35 -25.84 -22.85 -0.34
C GLU A 35 -26.68 -22.92 -1.61
N ALA A 36 -26.11 -23.43 -2.68
CA ALA A 36 -26.87 -23.56 -3.91
C ALA A 36 -27.85 -24.73 -3.76
N ILE A 37 -29.09 -24.49 -4.12
CA ILE A 37 -30.13 -25.51 -4.03
C ILE A 37 -30.77 -25.61 -5.40
N ASP A 38 -31.25 -26.81 -5.72
CA ASP A 38 -31.85 -27.07 -7.03
C ASP A 38 -33.06 -26.26 -7.42
N ASP A 39 -34.08 -26.14 -6.56
CA ASP A 39 -35.21 -25.33 -7.01
C ASP A 39 -34.91 -23.84 -6.94
N LYS A 40 -35.31 -23.15 -8.01
CA LYS A 40 -35.10 -21.72 -8.20
C LYS A 40 -35.76 -20.85 -7.14
N GLU A 41 -35.47 -21.13 -5.87
CA GLU A 41 -36.05 -20.38 -4.76
C GLU A 41 -34.98 -19.76 -3.85
N ILE A 42 -35.38 -18.72 -3.10
CA ILE A 42 -34.48 -18.05 -2.18
C ILE A 42 -34.99 -18.19 -0.76
N ILE A 43 -34.31 -19.01 0.03
CA ILE A 43 -34.71 -19.24 1.41
C ILE A 43 -33.71 -18.62 2.39
N ILE A 44 -34.24 -17.88 3.36
CA ILE A 44 -33.39 -17.24 4.35
C ILE A 44 -33.71 -17.64 5.78
N GLU A 45 -32.69 -17.77 6.61
CA GLU A 45 -32.82 -18.08 8.04
C GLU A 45 -31.88 -17.11 8.76
N VAL A 46 -32.34 -16.56 9.88
CA VAL A 46 -31.53 -15.61 10.64
C VAL A 46 -31.68 -15.87 12.13
N ASP A 47 -30.57 -15.88 12.86
CA ASP A 47 -30.64 -16.15 14.29
C ASP A 47 -31.33 -15.05 15.06
N ASP A 48 -31.72 -13.98 14.36
CA ASP A 48 -32.43 -12.90 15.03
C ASP A 48 -33.82 -12.86 14.42
N LYS A 49 -34.75 -13.42 15.19
CA LYS A 49 -36.12 -13.56 14.77
C LYS A 49 -36.96 -12.37 14.31
N ASN A 50 -36.66 -11.17 14.76
CA ASN A 50 -37.47 -10.06 14.28
C ASN A 50 -37.14 -9.78 12.77
N ILE A 51 -35.93 -10.11 12.34
CA ILE A 51 -35.50 -9.88 10.96
C ILE A 51 -36.33 -10.64 9.92
N PRO A 52 -36.98 -9.91 8.99
CA PRO A 52 -37.79 -10.56 7.96
C PRO A 52 -37.02 -11.65 7.20
N THR A 53 -37.75 -12.69 6.80
CA THR A 53 -37.20 -13.81 6.08
C THR A 53 -37.69 -13.81 4.63
N ASP A 54 -38.58 -12.88 4.32
CA ASP A 54 -39.12 -12.72 2.97
C ASP A 54 -37.98 -12.26 2.05
N PRO A 55 -37.56 -13.11 1.10
CA PRO A 55 -36.46 -12.77 0.18
C PRO A 55 -36.60 -11.42 -0.50
N ASP A 56 -37.81 -10.87 -0.48
CA ASP A 56 -38.06 -9.60 -1.14
C ASP A 56 -37.94 -8.45 -0.14
N LYS A 57 -37.78 -8.78 1.13
CA LYS A 57 -37.65 -7.77 2.16
C LYS A 57 -36.26 -7.83 2.84
N ASN A 58 -35.71 -9.03 2.96
CA ASN A 58 -34.41 -9.18 3.58
C ASN A 58 -33.33 -8.74 2.58
N VAL A 59 -32.56 -7.73 2.96
CA VAL A 59 -31.52 -7.21 2.07
C VAL A 59 -30.65 -8.33 1.43
N ALA A 60 -30.38 -9.40 2.16
CA ALA A 60 -29.61 -10.52 1.64
C ALA A 60 -30.37 -11.22 0.50
N GLY A 61 -31.68 -11.37 0.67
CA GLY A 61 -32.49 -11.99 -0.35
C GLY A 61 -32.60 -11.05 -1.54
N ILE A 62 -32.71 -9.76 -1.27
CA ILE A 62 -32.80 -8.82 -2.38
C ILE A 62 -31.51 -8.82 -3.23
N VAL A 63 -30.34 -8.97 -2.60
CA VAL A 63 -29.07 -8.98 -3.35
C VAL A 63 -28.92 -10.29 -4.13
N ALA A 64 -29.23 -11.39 -3.48
CA ALA A 64 -29.11 -12.68 -4.16
C ALA A 64 -29.94 -12.75 -5.44
N LYS A 65 -31.21 -12.35 -5.36
CA LYS A 65 -32.10 -12.39 -6.53
C LYS A 65 -31.59 -11.55 -7.68
N LYS A 66 -31.20 -10.31 -7.36
CA LYS A 66 -30.68 -9.43 -8.38
C LYS A 66 -29.46 -10.07 -9.07
N MET A 67 -28.58 -10.68 -8.30
CA MET A 67 -27.38 -11.29 -8.92
C MET A 67 -27.74 -12.58 -9.66
N ILE A 68 -28.64 -13.34 -9.07
CA ILE A 68 -29.07 -14.58 -9.69
C ILE A 68 -29.72 -14.22 -11.01
N ASP A 69 -30.56 -13.20 -11.00
CA ASP A 69 -31.21 -12.80 -12.23
C ASP A 69 -30.23 -12.21 -13.24
N ASP A 70 -29.41 -11.24 -12.82
CA ASP A 70 -28.47 -10.65 -13.75
C ASP A 70 -27.57 -11.67 -14.40
N PHE A 71 -27.10 -12.65 -13.64
CA PHE A 71 -26.21 -13.65 -14.22
C PHE A 71 -26.90 -14.90 -14.71
N ASN A 72 -28.22 -14.82 -14.84
CA ASN A 72 -29.02 -15.95 -15.30
C ASN A 72 -28.52 -17.24 -14.66
N ILE A 73 -28.47 -17.26 -13.34
CA ILE A 73 -28.03 -18.44 -12.63
C ILE A 73 -29.23 -19.41 -12.53
N GLY A 74 -28.97 -20.69 -12.64
CA GLY A 74 -30.09 -21.63 -12.59
C GLY A 74 -30.60 -21.89 -11.18
N LYS A 75 -29.67 -22.19 -10.28
CA LYS A 75 -29.97 -22.51 -8.90
C LYS A 75 -30.64 -21.43 -8.09
N GLY A 76 -31.10 -21.81 -6.91
CA GLY A 76 -31.70 -20.89 -5.95
C GLY A 76 -30.72 -20.98 -4.78
N VAL A 77 -30.93 -20.29 -3.67
CA VAL A 77 -29.96 -20.44 -2.58
C VAL A 77 -30.59 -20.40 -1.23
N LYS A 78 -29.93 -21.05 -0.28
CA LYS A 78 -30.37 -20.96 1.09
C LYS A 78 -29.31 -20.10 1.80
N ILE A 79 -29.76 -19.00 2.36
CA ILE A 79 -28.85 -18.10 3.04
C ILE A 79 -29.08 -18.20 4.55
N THR A 80 -28.02 -18.55 5.28
CA THR A 80 -28.11 -18.67 6.73
C THR A 80 -27.29 -17.56 7.38
N ILE A 81 -27.92 -16.76 8.21
CA ILE A 81 -27.28 -15.62 8.83
C ILE A 81 -27.25 -15.54 10.35
N LYS A 82 -26.05 -15.42 10.90
CA LYS A 82 -25.80 -15.22 12.35
C LYS A 82 -25.33 -13.77 12.45
N LYS A 83 -26.18 -12.93 13.02
CA LYS A 83 -25.88 -11.51 13.12
C LYS A 83 -24.85 -11.12 14.16
N GLY A 84 -23.99 -10.20 13.79
CA GLY A 84 -22.98 -9.73 14.72
C GLY A 84 -23.52 -8.61 15.60
N VAL A 85 -24.36 -7.76 15.04
CA VAL A 85 -24.90 -6.68 15.85
C VAL A 85 -26.25 -6.29 15.30
N LYS A 86 -27.08 -5.70 16.17
CA LYS A 86 -28.42 -5.26 15.78
C LYS A 86 -28.32 -4.05 14.85
N ALA A 87 -29.28 -3.91 13.93
CA ALA A 87 -29.33 -2.75 13.02
C ALA A 87 -29.70 -1.54 13.89
N GLY A 88 -29.46 -0.33 13.41
CA GLY A 88 -29.76 0.83 14.22
C GLY A 88 -28.73 1.11 15.32
N SER A 89 -27.57 0.47 15.24
CA SER A 89 -26.53 0.72 16.24
C SER A 89 -25.45 1.65 15.67
N GLY A 90 -25.49 1.89 14.35
CA GLY A 90 -24.51 2.74 13.70
C GLY A 90 -23.24 1.99 13.26
N LEU A 91 -23.34 0.66 13.25
CA LEU A 91 -22.22 -0.19 12.92
C LEU A 91 -22.34 -0.92 11.58
N GLY A 92 -23.19 -0.42 10.69
CA GLY A 92 -23.34 -1.05 9.38
C GLY A 92 -23.80 -2.48 9.38
N SER A 93 -24.74 -2.81 10.28
CA SER A 93 -25.29 -4.16 10.41
C SER A 93 -25.92 -4.72 9.11
N SER A 94 -26.80 -3.92 8.53
CA SER A 94 -27.46 -4.34 7.31
C SER A 94 -26.45 -4.42 6.15
N ALA A 95 -25.52 -3.47 6.13
CA ALA A 95 -24.49 -3.43 5.08
C ALA A 95 -23.64 -4.73 5.13
N ALA A 96 -23.42 -5.24 6.34
CA ALA A 96 -22.64 -6.45 6.51
C ALA A 96 -23.32 -7.62 5.79
N SER A 97 -24.63 -7.72 5.90
CA SER A 97 -25.36 -8.78 5.23
C SER A 97 -25.41 -8.52 3.74
N SER A 98 -25.55 -7.25 3.35
CA SER A 98 -25.61 -6.96 1.93
C SER A 98 -24.28 -7.28 1.28
N ALA A 99 -23.21 -6.80 1.88
CA ALA A 99 -21.87 -6.99 1.34
C ALA A 99 -21.53 -8.46 1.44
N GLY A 100 -21.83 -9.06 2.58
CA GLY A 100 -21.49 -10.46 2.73
C GLY A 100 -22.16 -11.34 1.67
N THR A 101 -23.42 -11.05 1.37
CA THR A 101 -24.13 -11.84 0.39
C THR A 101 -23.59 -11.66 -1.01
N ALA A 102 -23.36 -10.41 -1.43
CA ALA A 102 -22.82 -10.15 -2.75
C ALA A 102 -21.49 -10.88 -2.92
N TYR A 103 -20.62 -10.78 -1.91
CA TYR A 103 -19.33 -11.44 -1.92
C TYR A 103 -19.50 -12.96 -1.93
N ALA A 104 -20.44 -13.51 -1.14
CA ALA A 104 -20.60 -14.97 -1.11
C ALA A 104 -21.16 -15.52 -2.42
N ILE A 105 -22.08 -14.80 -3.04
CA ILE A 105 -22.64 -15.23 -4.31
C ILE A 105 -21.50 -15.27 -5.34
N ASN A 106 -20.72 -14.18 -5.39
CA ASN A 106 -19.59 -14.10 -6.31
C ASN A 106 -18.64 -15.31 -6.20
N GLU A 107 -18.37 -15.75 -4.97
CA GLU A 107 -17.51 -16.91 -4.71
C GLU A 107 -18.16 -18.23 -5.14
N LEU A 108 -19.36 -18.50 -4.64
CA LEU A 108 -20.10 -19.73 -4.93
C LEU A 108 -20.29 -19.97 -6.39
N PHE A 109 -20.65 -18.93 -7.13
CA PHE A 109 -20.87 -19.09 -8.54
C PHE A 109 -19.75 -18.65 -9.46
N LYS A 110 -18.56 -18.42 -8.88
CA LYS A 110 -17.40 -18.05 -9.69
C LYS A 110 -17.66 -16.89 -10.62
N LEU A 111 -18.21 -15.79 -10.12
CA LEU A 111 -18.49 -14.69 -11.02
C LEU A 111 -17.28 -13.83 -11.34
N ASN A 112 -16.24 -13.92 -10.49
CA ASN A 112 -15.00 -13.17 -10.69
C ASN A 112 -15.20 -11.68 -10.81
N LEU A 113 -16.18 -11.14 -10.14
CA LEU A 113 -16.44 -9.72 -10.25
C LEU A 113 -15.46 -8.91 -9.40
N ASP A 114 -15.09 -7.70 -9.83
CA ASP A 114 -14.20 -6.94 -8.98
C ASP A 114 -15.00 -6.31 -7.83
N LYS A 115 -14.27 -5.89 -6.81
CA LYS A 115 -14.87 -5.33 -5.64
C LYS A 115 -15.88 -4.20 -5.81
N LEU A 116 -15.57 -3.22 -6.67
CA LEU A 116 -16.47 -2.10 -6.88
C LEU A 116 -17.86 -2.62 -7.31
N LYS A 117 -17.89 -3.68 -8.10
CA LYS A 117 -19.15 -4.24 -8.56
C LYS A 117 -19.89 -4.95 -7.41
N LEU A 118 -19.14 -5.59 -6.51
CA LEU A 118 -19.78 -6.25 -5.38
C LEU A 118 -20.41 -5.17 -4.51
N VAL A 119 -19.73 -4.03 -4.36
CA VAL A 119 -20.26 -2.91 -3.58
C VAL A 119 -21.56 -2.44 -4.25
N ASP A 120 -21.54 -2.30 -5.55
CA ASP A 120 -22.71 -1.88 -6.30
C ASP A 120 -23.93 -2.79 -6.06
N TYR A 121 -23.75 -4.10 -6.22
CA TYR A 121 -24.81 -5.06 -5.95
C TYR A 121 -25.29 -4.95 -4.49
N ALA A 122 -24.35 -4.95 -3.53
CA ALA A 122 -24.76 -4.84 -2.13
C ALA A 122 -25.56 -3.55 -1.92
N SER A 123 -25.13 -2.47 -2.57
CA SER A 123 -25.83 -1.20 -2.44
C SER A 123 -27.22 -1.22 -3.06
N TYR A 124 -27.41 -2.06 -4.08
CA TYR A 124 -28.70 -2.20 -4.74
C TYR A 124 -29.66 -2.67 -3.67
N GLY A 125 -29.20 -3.61 -2.85
CA GLY A 125 -30.02 -4.15 -1.77
C GLY A 125 -30.35 -3.15 -0.67
N GLU A 126 -29.36 -2.34 -0.27
CA GLU A 126 -29.58 -1.34 0.77
C GLU A 126 -30.62 -0.32 0.29
N LEU A 127 -30.49 0.08 -0.97
CA LEU A 127 -31.36 1.06 -1.62
C LEU A 127 -32.79 0.55 -1.62
N ALA A 128 -32.98 -0.64 -2.18
CA ALA A 128 -34.30 -1.26 -2.26
C ALA A 128 -34.95 -1.38 -0.89
N SER A 129 -34.13 -1.69 0.11
CA SER A 129 -34.61 -1.87 1.47
C SER A 129 -34.79 -0.61 2.32
N SER A 130 -33.98 0.41 2.10
CA SER A 130 -34.04 1.58 2.95
C SER A 130 -34.06 2.91 2.21
N GLY A 131 -34.07 2.87 0.88
CA GLY A 131 -34.10 4.11 0.12
C GLY A 131 -32.78 4.82 -0.15
N ALA A 132 -31.67 4.21 0.25
CA ALA A 132 -30.36 4.83 0.04
C ALA A 132 -29.30 3.74 -0.03
N LYS A 133 -28.30 3.98 -0.86
CA LYS A 133 -27.24 3.01 -1.06
C LYS A 133 -26.36 2.66 0.16
N HIS A 134 -26.20 3.58 1.11
CA HIS A 134 -25.33 3.30 2.26
C HIS A 134 -24.00 2.72 1.72
N ALA A 135 -23.53 3.27 0.60
CA ALA A 135 -22.30 2.79 -0.02
C ALA A 135 -21.11 3.01 0.91
N ASP A 136 -21.22 3.99 1.80
CA ASP A 136 -20.09 4.26 2.70
C ASP A 136 -19.90 3.25 3.83
N ASN A 137 -20.85 2.32 3.97
CA ASN A 137 -20.73 1.22 4.91
C ASN A 137 -20.42 -0.01 4.08
N VAL A 138 -21.05 -0.11 2.92
CA VAL A 138 -20.83 -1.26 2.08
C VAL A 138 -19.40 -1.31 1.48
N ALA A 139 -18.88 -0.17 1.05
CA ALA A 139 -17.54 -0.14 0.49
C ALA A 139 -16.49 -0.66 1.48
N PRO A 140 -16.48 -0.15 2.73
CA PRO A 140 -15.45 -0.69 3.65
C PRO A 140 -15.71 -2.14 4.01
N ALA A 141 -16.95 -2.56 3.95
CA ALA A 141 -17.17 -3.97 4.31
C ALA A 141 -16.56 -4.87 3.23
N ILE A 142 -16.62 -4.44 1.98
CA ILE A 142 -16.06 -5.24 0.91
C ILE A 142 -14.52 -5.00 0.78
N PHE A 143 -14.06 -3.75 0.77
CA PHE A 143 -12.62 -3.47 0.60
C PHE A 143 -11.71 -3.64 1.83
N GLY A 144 -12.25 -3.47 3.05
CA GLY A 144 -11.40 -3.55 4.22
C GLY A 144 -10.71 -2.17 4.35
N GLY A 145 -9.95 -1.93 5.41
CA GLY A 145 -9.28 -0.65 5.54
C GLY A 145 -10.20 0.58 5.59
N PHE A 146 -9.75 1.65 4.96
CA PHE A 146 -10.47 2.90 4.93
C PHE A 146 -10.93 3.15 3.51
N THR A 147 -12.17 3.58 3.33
CA THR A 147 -12.65 3.86 1.97
C THR A 147 -13.33 5.23 1.89
N MET A 148 -13.44 5.73 0.66
CA MET A 148 -14.10 7.00 0.41
C MET A 148 -14.98 6.81 -0.80
N VAL A 149 -16.27 7.09 -0.62
CA VAL A 149 -17.26 7.04 -1.70
C VAL A 149 -17.19 8.47 -2.27
N THR A 150 -16.56 8.61 -3.43
CA THR A 150 -16.33 9.91 -4.02
C THR A 150 -17.23 10.30 -5.19
N ASN A 151 -18.24 9.48 -5.46
CA ASN A 151 -19.24 9.74 -6.49
C ASN A 151 -20.30 8.67 -6.23
N TYR A 152 -21.57 9.08 -6.16
CA TYR A 152 -22.64 8.13 -5.82
C TYR A 152 -23.37 7.44 -6.92
N GLU A 153 -23.32 8.04 -8.11
CA GLU A 153 -23.98 7.49 -9.27
C GLU A 153 -23.37 8.19 -10.49
N PRO A 154 -22.50 7.48 -11.24
CA PRO A 154 -22.01 6.11 -11.07
C PRO A 154 -21.27 6.00 -9.73
N LEU A 155 -21.29 4.84 -9.12
CA LEU A 155 -20.63 4.68 -7.85
C LEU A 155 -19.09 4.62 -8.02
N GLU A 156 -18.37 5.42 -7.23
CA GLU A 156 -16.91 5.36 -7.28
C GLU A 156 -16.42 5.26 -5.83
N VAL A 157 -15.48 4.35 -5.60
CA VAL A 157 -14.94 4.13 -4.27
C VAL A 157 -13.42 4.20 -4.35
N LEU A 158 -12.80 4.88 -3.40
CA LEU A 158 -11.34 4.97 -3.35
C LEU A 158 -10.99 4.26 -2.06
N HIS A 159 -10.00 3.37 -2.15
CA HIS A 159 -9.57 2.55 -1.03
C HIS A 159 -8.21 2.89 -0.54
N ILE A 160 -8.05 3.05 0.77
CA ILE A 160 -6.75 3.32 1.36
C ILE A 160 -6.46 2.24 2.43
N PRO A 161 -5.62 1.25 2.06
CA PRO A 161 -5.24 0.15 2.98
C PRO A 161 -4.71 0.74 4.27
N ILE A 162 -5.00 0.12 5.40
CA ILE A 162 -4.47 0.61 6.66
C ILE A 162 -3.46 -0.48 7.07
N ASP A 163 -2.17 -0.24 6.91
CA ASP A 163 -1.21 -1.29 7.26
C ASP A 163 -0.55 -1.13 8.63
N PHE A 164 -0.75 0.02 9.28
CA PHE A 164 -0.19 0.23 10.60
C PHE A 164 -1.25 -0.18 11.62
N LYS A 165 -0.86 -0.27 12.89
CA LYS A 165 -1.82 -0.68 13.90
C LYS A 165 -2.71 0.48 14.32
N LEU A 166 -3.99 0.16 14.48
CA LEU A 166 -4.97 1.15 14.89
C LEU A 166 -5.96 0.44 15.79
N ASP A 167 -5.78 0.58 17.10
CA ASP A 167 -6.69 -0.02 18.04
C ASP A 167 -8.01 0.78 17.98
N ILE A 168 -9.11 0.06 18.17
CA ILE A 168 -10.43 0.68 18.10
C ILE A 168 -11.28 0.23 19.28
N LEU A 169 -11.98 1.15 19.89
CA LEU A 169 -12.87 0.80 20.99
C LEU A 169 -14.28 1.23 20.55
N ILE A 170 -15.26 0.33 20.72
CA ILE A 170 -16.65 0.63 20.34
C ILE A 170 -17.62 0.49 21.53
N ALA A 171 -18.32 1.58 21.84
CA ALA A 171 -19.32 1.57 22.90
C ALA A 171 -20.68 1.50 22.17
N ILE A 172 -21.45 0.47 22.49
CA ILE A 172 -22.75 0.25 21.87
C ILE A 172 -23.90 0.49 22.86
N PRO A 173 -24.54 1.68 22.77
CA PRO A 173 -25.65 2.03 23.65
C PRO A 173 -26.87 1.15 23.35
N ASN A 174 -27.70 0.98 24.37
CA ASN A 174 -28.88 0.13 24.25
C ASN A 174 -30.08 0.81 23.61
N ILE A 175 -29.86 1.82 22.77
CA ILE A 175 -30.94 2.52 22.08
C ILE A 175 -30.61 2.33 20.62
N SER A 176 -31.54 2.69 19.75
CA SER A 176 -31.27 2.54 18.33
C SER A 176 -31.67 3.77 17.51
N ILE A 177 -31.18 3.81 16.29
CA ILE A 177 -31.48 4.90 15.36
C ILE A 177 -31.62 4.24 14.00
N ASN A 178 -32.81 4.29 13.43
CA ASN A 178 -33.04 3.67 12.12
C ASN A 178 -32.73 4.73 11.09
N THR A 179 -32.82 4.35 9.82
CA THR A 179 -32.50 5.25 8.74
C THR A 179 -33.36 6.50 8.66
N LYS A 180 -34.62 6.40 9.09
CA LYS A 180 -35.53 7.54 9.08
C LYS A 180 -35.09 8.53 10.18
N GLU A 181 -34.90 8.02 11.39
CA GLU A 181 -34.47 8.86 12.48
C GLU A 181 -33.13 9.58 12.18
N ALA A 182 -32.22 8.86 11.50
CA ALA A 182 -30.90 9.41 11.15
C ALA A 182 -31.02 10.65 10.26
N ARG A 183 -31.92 10.59 9.30
CA ARG A 183 -32.14 11.74 8.41
C ARG A 183 -32.78 12.96 9.13
N GLU A 184 -33.59 12.70 10.17
CA GLU A 184 -34.30 13.75 10.91
C GLU A 184 -33.36 14.73 11.59
N ILE A 185 -32.22 14.21 11.98
CA ILE A 185 -31.24 14.97 12.67
C ILE A 185 -30.46 15.90 11.74
N LEU A 186 -30.40 15.52 10.47
CA LEU A 186 -29.61 16.27 9.51
C LEU A 186 -30.01 17.72 9.32
N PRO A 187 -29.00 18.62 9.23
CA PRO A 187 -29.25 20.04 9.05
C PRO A 187 -29.76 20.25 7.65
N LYS A 188 -30.56 21.28 7.52
CA LYS A 188 -31.20 21.70 6.29
C LYS A 188 -30.16 22.27 5.35
N ALA A 189 -29.30 23.13 5.87
CA ALA A 189 -28.28 23.76 5.05
C ALA A 189 -26.96 23.84 5.80
N VAL A 190 -25.89 24.16 5.08
CA VAL A 190 -24.57 24.24 5.71
C VAL A 190 -23.93 25.59 5.37
N GLY A 191 -23.29 26.21 6.35
CA GLY A 191 -22.64 27.48 6.07
C GLY A 191 -21.34 27.30 5.31
N LEU A 192 -21.09 28.19 4.35
CA LEU A 192 -19.88 28.12 3.57
C LEU A 192 -18.66 27.83 4.44
N LYS A 193 -18.53 28.51 5.58
CA LYS A 193 -17.36 28.28 6.42
C LYS A 193 -17.26 26.84 6.91
N ASP A 194 -18.40 26.20 7.14
CA ASP A 194 -18.35 24.83 7.60
C ASP A 194 -17.95 23.90 6.48
N LEU A 195 -18.39 24.17 5.26
CA LEU A 195 -18.01 23.35 4.14
C LEU A 195 -16.47 23.43 4.04
N VAL A 196 -15.95 24.67 4.01
CA VAL A 196 -14.51 24.89 3.92
C VAL A 196 -13.79 24.16 5.05
N ASN A 197 -14.26 24.31 6.28
CA ASN A 197 -13.64 23.61 7.40
C ASN A 197 -13.63 22.08 7.17
N ASN A 198 -14.78 21.52 6.79
CA ASN A 198 -14.86 20.07 6.64
C ASN A 198 -14.02 19.54 5.49
N VAL A 199 -14.01 20.28 4.38
CA VAL A 199 -13.19 19.90 3.24
C VAL A 199 -11.74 19.88 3.70
N GLY A 200 -11.30 20.95 4.37
CA GLY A 200 -9.93 20.97 4.83
C GLY A 200 -9.57 19.88 5.82
N LYS A 201 -10.40 19.68 6.83
CA LYS A 201 -10.11 18.66 7.84
C LYS A 201 -10.18 17.22 7.28
N ALA A 202 -11.17 16.96 6.40
CA ALA A 202 -11.33 15.64 5.78
C ALA A 202 -10.11 15.34 4.90
N CYS A 203 -9.68 16.34 4.12
CA CYS A 203 -8.49 16.16 3.28
C CYS A 203 -7.24 15.92 4.15
N GLY A 204 -7.19 16.57 5.31
CA GLY A 204 -6.08 16.39 6.22
C GLY A 204 -6.08 14.98 6.78
N MET A 205 -7.27 14.36 6.93
CA MET A 205 -7.29 12.98 7.44
C MET A 205 -6.73 12.04 6.40
N VAL A 206 -6.99 12.31 5.12
CA VAL A 206 -6.44 11.46 4.05
C VAL A 206 -4.90 11.60 4.12
N TYR A 207 -4.43 12.84 4.23
CA TYR A 207 -3.00 13.11 4.33
C TYR A 207 -2.46 12.35 5.54
N ALA A 208 -3.18 12.43 6.65
CA ALA A 208 -2.74 11.74 7.85
C ALA A 208 -2.58 10.24 7.65
N LEU A 209 -3.52 9.60 6.94
CA LEU A 209 -3.41 8.17 6.73
C LEU A 209 -2.17 7.83 5.91
N TYR A 210 -1.90 8.62 4.87
CA TYR A 210 -0.72 8.37 4.04
C TYR A 210 0.56 8.64 4.79
N ASN A 211 0.46 9.39 5.88
CA ASN A 211 1.64 9.70 6.68
C ASN A 211 1.62 8.95 7.99
N LYS A 212 0.73 7.98 8.08
CA LYS A 212 0.58 7.17 9.29
C LYS A 212 0.57 8.00 10.55
N ASP A 213 -0.04 9.18 10.51
CA ASP A 213 -0.07 10.04 11.68
C ASP A 213 -1.45 10.00 12.37
N LYS A 214 -1.57 9.12 13.36
CA LYS A 214 -2.79 8.92 14.11
C LYS A 214 -3.28 10.12 14.91
N SER A 215 -2.39 10.98 15.40
CA SER A 215 -2.81 12.13 16.18
C SER A 215 -3.53 13.12 15.28
N LEU A 216 -2.94 13.35 14.11
CA LEU A 216 -3.47 14.28 13.14
C LEU A 216 -4.82 13.73 12.65
N PHE A 217 -4.87 12.44 12.33
CA PHE A 217 -6.11 11.81 11.87
C PHE A 217 -7.23 11.98 12.87
N GLY A 218 -6.92 11.67 14.14
CA GLY A 218 -7.91 11.74 15.20
C GLY A 218 -8.33 13.15 15.53
N ARG A 219 -7.36 14.04 15.57
CA ARG A 219 -7.67 15.41 15.90
C ARG A 219 -8.62 16.07 14.87
N TYR A 220 -8.32 15.91 13.58
CA TYR A 220 -9.17 16.50 12.54
C TYR A 220 -10.53 15.82 12.50
N MET A 221 -10.55 14.54 12.84
CA MET A 221 -11.76 13.75 12.87
C MET A 221 -12.79 14.29 13.86
N MET A 222 -12.31 14.97 14.90
CA MET A 222 -13.18 15.52 15.94
C MET A 222 -13.63 16.96 15.70
N SER A 223 -13.46 17.47 14.47
CA SER A 223 -13.79 18.85 14.12
C SER A 223 -15.13 19.23 13.54
N ASP A 224 -15.99 18.28 13.26
CA ASP A 224 -17.26 18.68 12.65
C ASP A 224 -18.23 19.48 13.55
N LYS A 225 -18.83 20.53 12.98
CA LYS A 225 -19.82 21.36 13.70
C LYS A 225 -21.11 21.38 12.90
N VAL A 226 -21.13 20.67 11.79
CA VAL A 226 -22.29 20.63 10.95
C VAL A 226 -23.30 19.61 11.49
N ILE A 227 -22.83 18.43 11.83
CA ILE A 227 -23.71 17.37 12.29
C ILE A 227 -23.44 16.84 13.70
N GLU A 228 -22.19 16.57 14.03
CA GLU A 228 -21.89 16.03 15.34
C GLU A 228 -22.55 16.67 16.59
N PRO A 229 -22.62 18.01 16.66
CA PRO A 229 -23.23 18.64 17.84
C PRO A 229 -24.70 18.27 18.00
N VAL A 230 -25.38 18.11 16.87
CA VAL A 230 -26.78 17.70 16.93
C VAL A 230 -26.93 16.18 17.14
N ARG A 231 -26.12 15.38 16.44
CA ARG A 231 -26.18 13.91 16.52
C ARG A 231 -25.73 13.52 17.93
N GLY A 232 -24.72 14.22 18.46
CA GLY A 232 -24.22 13.88 19.78
C GLY A 232 -25.20 14.02 20.96
N LYS A 233 -26.21 14.88 20.80
CA LYS A 233 -27.22 15.10 21.83
C LYS A 233 -28.10 13.84 21.99
N LEU A 234 -28.12 13.01 20.97
CA LEU A 234 -28.92 11.80 20.98
C LEU A 234 -28.29 10.66 21.74
N ILE A 235 -27.02 10.81 22.13
CA ILE A 235 -26.29 9.74 22.82
C ILE A 235 -25.99 10.07 24.29
N PRO A 236 -26.60 9.34 25.23
CA PRO A 236 -26.33 9.67 26.64
C PRO A 236 -24.87 9.71 27.05
N ASN A 237 -24.44 10.86 27.57
CA ASN A 237 -23.09 11.07 28.06
C ASN A 237 -22.00 11.20 27.01
N TYR A 238 -22.40 11.27 25.73
CA TYR A 238 -21.43 11.40 24.64
C TYR A 238 -20.41 12.52 24.88
N PHE A 239 -20.87 13.77 24.98
CA PHE A 239 -19.94 14.85 25.18
C PHE A 239 -19.11 14.72 26.43
N LYS A 240 -19.74 14.21 27.48
CA LYS A 240 -19.06 14.00 28.74
C LYS A 240 -17.99 12.94 28.58
N ILE A 241 -18.32 11.86 27.87
CA ILE A 241 -17.35 10.80 27.66
C ILE A 241 -16.20 11.33 26.82
N LYS A 242 -16.53 12.18 25.85
CA LYS A 242 -15.51 12.72 24.97
C LYS A 242 -14.52 13.55 25.80
N GLU A 243 -15.05 14.28 26.76
CA GLU A 243 -14.21 15.12 27.61
C GLU A 243 -13.33 14.24 28.50
N GLU A 244 -13.94 13.23 29.09
CA GLU A 244 -13.21 12.36 29.99
C GLU A 244 -12.06 11.54 29.40
N VAL A 245 -12.09 11.25 28.10
CA VAL A 245 -10.99 10.46 27.50
C VAL A 245 -10.08 11.34 26.63
N LYS A 246 -10.41 12.61 26.56
CA LYS A 246 -9.71 13.63 25.80
C LYS A 246 -8.22 13.47 25.50
N ASP A 247 -7.39 13.31 26.53
CA ASP A 247 -5.95 13.20 26.34
C ASP A 247 -5.46 11.75 26.23
N LYS A 248 -6.39 10.81 26.34
CA LYS A 248 -6.03 9.41 26.28
C LYS A 248 -6.35 8.76 24.95
N VAL A 249 -6.96 9.53 24.05
CA VAL A 249 -7.29 9.00 22.72
C VAL A 249 -6.75 9.90 21.62
N TYR A 250 -6.52 9.30 20.45
CA TYR A 250 -6.08 10.04 19.27
C TYR A 250 -7.31 10.80 18.76
N GLY A 251 -8.46 10.19 18.95
CA GLY A 251 -9.72 10.76 18.55
C GLY A 251 -10.87 9.88 18.96
N ILE A 252 -12.05 10.49 19.11
CA ILE A 252 -13.25 9.77 19.43
C ILE A 252 -14.40 10.52 18.78
N THR A 253 -15.33 9.78 18.18
CA THR A 253 -16.47 10.42 17.52
C THR A 253 -17.64 9.45 17.47
N ILE A 254 -18.70 9.83 16.77
CA ILE A 254 -19.88 9.00 16.62
C ILE A 254 -19.66 8.05 15.45
N SER A 255 -20.08 6.80 15.61
CA SER A 255 -19.93 5.83 14.52
C SER A 255 -21.18 5.85 13.63
N GLY A 256 -21.04 6.28 12.37
CA GLY A 256 -22.19 6.33 11.49
C GLY A 256 -23.30 7.24 12.02
N SER A 257 -24.53 6.76 11.95
CA SER A 257 -25.68 7.53 12.42
C SER A 257 -25.80 7.47 13.94
N GLY A 258 -24.92 6.67 14.55
CA GLY A 258 -24.92 6.49 15.98
C GLY A 258 -25.94 5.40 16.29
N PRO A 259 -26.25 5.14 17.54
CA PRO A 259 -25.73 5.81 18.72
C PRO A 259 -24.35 5.30 19.17
N SER A 260 -23.81 4.26 18.51
CA SER A 260 -22.48 3.76 18.90
C SER A 260 -21.36 4.81 18.80
N ILE A 261 -20.40 4.70 19.71
CA ILE A 261 -19.27 5.59 19.82
C ILE A 261 -17.97 4.86 19.39
N ILE A 262 -17.14 5.47 18.54
CA ILE A 262 -15.91 4.81 18.13
C ILE A 262 -14.74 5.66 18.60
N ALA A 263 -13.82 5.03 19.30
CA ALA A 263 -12.65 5.78 19.79
C ALA A 263 -11.34 5.07 19.38
N PHE A 264 -10.30 5.88 19.18
CA PHE A 264 -9.00 5.33 18.81
C PHE A 264 -8.07 5.66 19.99
N PRO A 265 -8.05 4.76 20.99
CA PRO A 265 -7.24 4.91 22.19
C PRO A 265 -5.73 4.92 21.92
N LYS A 266 -5.00 5.74 22.68
CA LYS A 266 -3.55 5.78 22.55
C LYS A 266 -3.13 4.44 23.17
N GLU A 267 -2.03 3.89 22.66
CA GLU A 267 -1.52 2.61 23.12
C GLU A 267 -1.35 2.47 24.64
N GLU A 268 -0.83 3.51 25.29
CA GLU A 268 -0.57 3.50 26.72
C GLU A 268 -1.80 3.53 27.64
N PHE A 269 -2.92 4.09 27.14
CA PHE A 269 -4.15 4.17 27.92
C PHE A 269 -5.24 3.30 27.35
N ILE A 270 -4.94 2.22 26.65
CA ILE A 270 -6.04 1.47 26.07
C ILE A 270 -6.98 0.81 27.10
N ASP A 271 -6.44 0.20 28.15
CA ASP A 271 -7.31 -0.43 29.14
C ASP A 271 -8.10 0.64 29.90
N GLU A 272 -7.45 1.76 30.20
CA GLU A 272 -8.17 2.78 30.94
C GLU A 272 -9.39 3.29 30.18
N VAL A 273 -9.19 3.60 28.90
CA VAL A 273 -10.27 4.09 28.06
C VAL A 273 -11.36 3.04 27.91
N GLU A 274 -10.96 1.79 27.80
CA GLU A 274 -11.96 0.73 27.65
C GLU A 274 -12.84 0.72 28.92
N ASN A 275 -12.18 0.84 30.07
CA ASN A 275 -12.84 0.84 31.35
C ASN A 275 -13.76 2.03 31.52
N ILE A 276 -13.29 3.20 31.10
CA ILE A 276 -14.11 4.37 31.19
C ILE A 276 -15.33 4.17 30.32
N LEU A 277 -15.14 3.63 29.11
CA LEU A 277 -16.28 3.40 28.21
C LEU A 277 -17.27 2.44 28.87
N ARG A 278 -16.78 1.30 29.39
CA ARG A 278 -17.60 0.30 30.10
C ARG A 278 -18.45 0.89 31.23
N ASP A 279 -17.89 1.87 31.92
CA ASP A 279 -18.58 2.53 33.00
C ASP A 279 -19.85 3.24 32.48
N TYR A 280 -19.88 3.57 31.19
CA TYR A 280 -21.06 4.22 30.65
C TYR A 280 -21.89 3.25 29.83
N TYR A 281 -21.22 2.30 29.20
CA TYR A 281 -21.88 1.33 28.36
C TYR A 281 -21.26 -0.07 28.49
N GLU A 282 -22.01 -0.99 29.09
CA GLU A 282 -21.55 -2.36 29.28
C GLU A 282 -21.13 -3.04 27.99
N ASN A 283 -21.86 -2.77 26.91
CA ASN A 283 -21.56 -3.38 25.62
C ASN A 283 -20.46 -2.57 24.93
N THR A 284 -19.21 -2.83 25.33
CA THR A 284 -18.07 -2.13 24.76
C THR A 284 -17.11 -3.18 24.25
N ILE A 285 -16.65 -3.05 23.01
CA ILE A 285 -15.70 -4.04 22.51
C ILE A 285 -14.43 -3.40 22.00
N ARG A 286 -13.36 -4.20 21.99
CA ARG A 286 -12.09 -3.74 21.52
C ARG A 286 -11.82 -4.46 20.21
N THR A 287 -11.49 -3.70 19.16
CA THR A 287 -11.15 -4.26 17.85
C THR A 287 -10.04 -3.47 17.25
N GLU A 288 -9.98 -3.60 15.93
CA GLU A 288 -8.98 -2.93 15.13
C GLU A 288 -9.55 -2.88 13.72
N VAL A 289 -8.83 -2.23 12.83
CA VAL A 289 -9.30 -2.13 11.47
C VAL A 289 -9.42 -3.54 10.88
N GLY A 290 -10.50 -3.78 10.10
CA GLY A 290 -10.72 -5.08 9.48
C GLY A 290 -10.27 -5.14 8.01
N LYS A 291 -10.25 -6.34 7.45
CA LYS A 291 -9.82 -6.55 6.07
C LYS A 291 -10.97 -6.79 5.13
N GLY A 292 -12.20 -6.64 5.60
CA GLY A 292 -13.32 -6.84 4.70
C GLY A 292 -13.85 -8.26 4.69
N VAL A 293 -14.92 -8.49 3.94
CA VAL A 293 -15.52 -9.81 3.86
C VAL A 293 -14.46 -10.85 3.47
N GLU A 294 -14.46 -11.97 4.18
CA GLU A 294 -13.51 -13.01 3.86
C GLU A 294 -14.19 -14.37 3.97
N VAL A 295 -13.75 -15.31 3.15
CA VAL A 295 -14.28 -16.66 3.17
C VAL A 295 -13.79 -17.32 4.45
N VAL A 296 -14.68 -17.97 5.18
CA VAL A 296 -14.26 -18.63 6.41
C VAL A 296 -14.47 -20.15 6.35
N MET B 1 25.49 42.25 2.27
CA MET B 1 24.07 41.98 2.60
C MET B 1 23.19 42.21 1.37
N LYS B 2 23.14 41.20 0.50
CA LYS B 2 22.36 41.28 -0.73
C LYS B 2 21.80 39.89 -1.04
N VAL B 3 20.49 39.81 -1.23
CA VAL B 3 19.80 38.55 -1.53
C VAL B 3 18.84 38.71 -2.70
N ARG B 4 19.04 37.89 -3.73
CA ARG B 4 18.20 37.95 -4.91
C ARG B 4 17.35 36.68 -5.01
N VAL B 5 16.04 36.85 -5.11
CA VAL B 5 15.16 35.69 -5.14
C VAL B 5 14.03 35.70 -6.16
N LYS B 6 13.47 34.52 -6.41
CA LYS B 6 12.33 34.29 -7.32
C LYS B 6 11.06 33.91 -6.52
N ALA B 7 10.02 34.73 -6.58
CA ALA B 7 8.78 34.42 -5.86
C ALA B 7 7.77 33.97 -6.92
N PRO B 8 7.34 32.70 -6.86
CA PRO B 8 6.38 32.19 -7.87
C PRO B 8 4.90 32.47 -7.64
N CYS B 9 4.17 32.47 -8.74
CA CYS B 9 2.73 32.65 -8.71
C CYS B 9 2.21 31.30 -8.24
N THR B 10 0.95 31.30 -7.82
CA THR B 10 0.32 30.11 -7.28
C THR B 10 -1.14 30.12 -7.66
N SER B 11 -1.73 28.93 -7.76
CA SER B 11 -3.14 28.82 -8.08
C SER B 11 -3.90 28.17 -6.91
N ALA B 12 -4.84 28.91 -6.33
CA ALA B 12 -5.64 28.45 -5.19
C ALA B 12 -7.01 27.98 -5.58
N ASN B 13 -7.62 27.19 -4.70
CA ASN B 13 -8.98 26.63 -4.86
C ASN B 13 -9.05 25.33 -5.64
N LEU B 14 -8.67 25.38 -6.91
CA LEU B 14 -8.68 24.18 -7.76
C LEU B 14 -10.03 23.47 -7.65
N GLY B 15 -11.08 24.21 -8.04
CA GLY B 15 -12.43 23.69 -8.02
C GLY B 15 -13.01 23.41 -6.64
N VAL B 16 -12.97 22.14 -6.24
CA VAL B 16 -13.54 21.70 -4.97
C VAL B 16 -12.68 21.96 -3.75
N GLY B 17 -11.46 22.47 -3.95
CA GLY B 17 -10.63 22.76 -2.79
C GLY B 17 -10.65 24.24 -2.37
N PHE B 18 -11.68 25.00 -2.70
CA PHE B 18 -11.60 26.43 -2.33
C PHE B 18 -11.32 26.78 -0.89
N ASP B 19 -10.42 27.75 -0.76
CA ASP B 19 -9.90 28.25 0.51
C ASP B 19 -9.01 27.26 1.20
N VAL B 20 -8.69 26.16 0.52
CA VAL B 20 -7.88 25.14 1.13
C VAL B 20 -6.68 24.78 0.29
N PHE B 21 -6.94 24.37 -0.95
CA PHE B 21 -5.93 23.93 -1.90
C PHE B 21 -5.11 25.04 -2.51
N GLY B 22 -3.84 24.73 -2.76
CA GLY B 22 -2.97 25.67 -3.43
C GLY B 22 -1.90 24.92 -4.21
N LEU B 23 -1.64 25.37 -5.42
CA LEU B 23 -0.66 24.71 -6.24
C LEU B 23 0.38 25.75 -6.69
N CYS B 24 1.65 25.48 -6.41
CA CYS B 24 2.72 26.38 -6.79
C CYS B 24 3.11 26.20 -8.25
N LEU B 25 3.19 27.31 -8.98
CA LEU B 25 3.58 27.26 -10.38
C LEU B 25 5.07 27.54 -10.41
N LYS B 26 5.66 27.37 -11.58
CA LYS B 26 7.08 27.63 -11.76
C LYS B 26 7.11 29.06 -12.32
N GLU B 27 6.11 29.38 -13.13
CA GLU B 27 6.02 30.70 -13.73
C GLU B 27 4.56 31.03 -13.93
N PRO B 28 4.21 32.33 -13.96
CA PRO B 28 5.05 33.52 -13.80
C PRO B 28 5.69 33.64 -12.42
N TYR B 29 6.63 34.57 -12.27
CA TYR B 29 7.28 34.78 -10.99
C TYR B 29 7.81 36.20 -10.81
N ASP B 30 7.84 36.66 -9.56
CA ASP B 30 8.37 37.96 -9.20
C ASP B 30 9.86 37.80 -8.95
N VAL B 31 10.64 38.82 -9.28
CA VAL B 31 12.07 38.78 -9.01
C VAL B 31 12.24 39.82 -7.93
N ILE B 32 12.69 39.39 -6.75
CA ILE B 32 12.85 40.33 -5.65
C ILE B 32 14.26 40.38 -5.08
N GLU B 33 14.70 41.59 -4.80
CA GLU B 33 16.03 41.80 -4.24
C GLU B 33 15.91 42.60 -2.95
N VAL B 34 16.71 42.18 -1.97
CA VAL B 34 16.73 42.85 -0.69
C VAL B 34 18.18 43.04 -0.26
N GLU B 35 18.57 44.29 -0.06
CA GLU B 35 19.93 44.59 0.36
C GLU B 35 19.78 45.31 1.69
N ALA B 36 20.77 45.14 2.56
CA ALA B 36 20.74 45.79 3.85
C ALA B 36 21.30 47.20 3.73
N ILE B 37 20.54 48.19 4.20
CA ILE B 37 20.96 49.58 4.17
C ILE B 37 21.03 50.01 5.65
N ASP B 38 21.75 51.09 5.94
CA ASP B 38 21.89 51.51 7.33
C ASP B 38 20.72 52.22 8.00
N ASP B 39 20.24 53.31 7.40
CA ASP B 39 19.13 54.04 8.01
C ASP B 39 17.89 53.19 8.26
N LYS B 40 17.19 53.48 9.37
CA LYS B 40 15.97 52.76 9.74
C LYS B 40 14.82 53.02 8.76
N GLU B 41 15.13 52.96 7.47
CA GLU B 41 14.15 53.18 6.43
C GLU B 41 13.82 51.89 5.64
N ILE B 42 12.56 51.77 5.22
CA ILE B 42 12.10 50.64 4.41
C ILE B 42 11.87 51.28 3.05
N ILE B 43 12.69 50.96 2.06
CA ILE B 43 12.48 51.57 0.74
C ILE B 43 12.07 50.56 -0.32
N ILE B 44 11.05 50.93 -1.10
CA ILE B 44 10.48 50.07 -2.14
C ILE B 44 10.61 50.51 -3.60
N GLU B 45 11.09 49.59 -4.44
CA GLU B 45 11.23 49.83 -5.88
C GLU B 45 10.39 48.79 -6.62
N VAL B 46 9.43 49.23 -7.44
CA VAL B 46 8.56 48.32 -8.21
C VAL B 46 8.37 48.81 -9.65
N ASP B 47 8.87 48.02 -10.60
CA ASP B 47 8.81 48.34 -12.02
C ASP B 47 7.64 49.18 -12.51
N ASP B 48 6.48 49.06 -11.89
CA ASP B 48 5.35 49.85 -12.35
C ASP B 48 4.66 50.65 -11.25
N LYS B 49 4.37 51.92 -11.53
CA LYS B 49 3.72 52.78 -10.54
C LYS B 49 2.20 52.64 -10.55
N ASN B 50 1.75 51.46 -10.17
CA ASN B 50 0.34 51.13 -10.08
C ASN B 50 0.44 50.38 -8.77
N ILE B 51 1.69 50.06 -8.44
CA ILE B 51 2.05 49.37 -7.22
C ILE B 51 2.61 50.44 -6.29
N PRO B 52 1.92 50.68 -5.17
CA PRO B 52 2.24 51.65 -4.12
C PRO B 52 3.62 51.41 -3.48
N THR B 53 4.54 52.36 -3.64
CA THR B 53 5.89 52.26 -3.10
C THR B 53 6.02 52.54 -1.60
N ASP B 54 5.02 53.20 -1.03
CA ASP B 54 5.03 53.52 0.40
C ASP B 54 4.94 52.24 1.26
N PRO B 55 6.05 51.88 1.94
CA PRO B 55 6.27 50.73 2.83
C PRO B 55 5.13 50.27 3.74
N ASP B 56 4.22 51.17 4.08
CA ASP B 56 3.12 50.79 4.95
C ASP B 56 1.97 50.23 4.13
N LYS B 57 1.93 50.59 2.85
CA LYS B 57 0.86 50.14 1.96
C LYS B 57 1.28 49.00 1.01
N ASN B 58 2.58 48.86 0.77
CA ASN B 58 3.06 47.78 -0.09
C ASN B 58 3.32 46.57 0.79
N VAL B 59 2.61 45.48 0.48
CA VAL B 59 2.71 44.25 1.23
C VAL B 59 4.13 43.82 1.58
N ALA B 60 5.05 43.93 0.62
CA ALA B 60 6.43 43.54 0.86
C ALA B 60 7.07 44.47 1.89
N GLY B 61 6.52 45.67 2.02
CA GLY B 61 7.04 46.62 2.98
C GLY B 61 6.60 46.20 4.35
N ILE B 62 5.32 45.83 4.45
CA ILE B 62 4.74 45.37 5.71
C ILE B 62 5.47 44.14 6.25
N VAL B 63 5.64 43.14 5.39
CA VAL B 63 6.33 41.91 5.78
C VAL B 63 7.75 42.26 6.22
N ALA B 64 8.32 43.26 5.55
CA ALA B 64 9.66 43.72 5.87
C ALA B 64 9.68 44.35 7.26
N LYS B 65 8.70 45.21 7.55
CA LYS B 65 8.65 45.88 8.85
C LYS B 65 8.44 44.91 10.00
N LYS B 66 7.23 44.34 10.07
CA LYS B 66 6.87 43.41 11.13
C LYS B 66 7.90 42.32 11.33
N MET B 67 8.79 42.13 10.37
CA MET B 67 9.80 41.10 10.51
C MET B 67 11.03 41.59 11.27
N ILE B 68 11.27 42.91 11.24
CA ILE B 68 12.42 43.47 11.94
C ILE B 68 12.07 43.80 13.39
N ASP B 69 10.95 44.50 13.60
CA ASP B 69 10.51 44.83 14.94
C ASP B 69 10.79 43.55 15.74
N ASP B 70 10.18 42.47 15.26
CA ASP B 70 10.31 41.15 15.85
C ASP B 70 11.75 40.71 16.09
N PHE B 71 12.54 40.61 15.01
CA PHE B 71 13.93 40.15 15.08
C PHE B 71 15.05 41.17 15.35
N ASN B 72 14.71 42.43 15.50
CA ASN B 72 15.75 43.44 15.73
C ASN B 72 16.80 43.43 14.64
N ILE B 73 16.36 43.42 13.38
CA ILE B 73 17.32 43.44 12.29
C ILE B 73 18.04 44.79 12.34
N GLY B 74 19.36 44.72 12.50
CA GLY B 74 20.19 45.91 12.59
C GLY B 74 19.97 47.01 11.56
N LYS B 75 20.37 46.74 10.32
CA LYS B 75 20.23 47.71 9.24
C LYS B 75 18.88 47.65 8.52
N GLY B 76 18.43 48.78 8.00
CA GLY B 76 17.17 48.80 7.27
C GLY B 76 17.31 48.02 5.97
N VAL B 77 16.28 48.05 5.14
CA VAL B 77 16.30 47.31 3.88
C VAL B 77 15.67 48.04 2.70
N LYS B 78 16.26 47.86 1.53
CA LYS B 78 15.72 48.44 0.31
C LYS B 78 15.37 47.23 -0.56
N ILE B 79 14.15 47.24 -1.09
CA ILE B 79 13.65 46.12 -1.89
C ILE B 79 13.31 46.47 -3.32
N THR B 80 13.88 45.71 -4.25
CA THR B 80 13.66 45.90 -5.68
C THR B 80 12.66 44.82 -6.09
N ILE B 81 11.64 45.21 -6.85
CA ILE B 81 10.60 44.27 -7.26
C ILE B 81 10.21 44.27 -8.74
N LYS B 82 10.43 43.12 -9.40
CA LYS B 82 10.03 42.97 -10.80
C LYS B 82 8.83 42.01 -10.82
N LYS B 83 7.64 42.57 -11.02
CA LYS B 83 6.42 41.79 -11.05
C LYS B 83 6.32 40.72 -12.16
N GLY B 84 5.84 39.54 -11.78
CA GLY B 84 5.69 38.48 -12.74
C GLY B 84 4.39 38.67 -13.48
N VAL B 85 3.35 38.97 -12.75
CA VAL B 85 2.07 39.17 -13.38
C VAL B 85 1.28 40.27 -12.69
N LYS B 86 0.27 40.77 -13.40
CA LYS B 86 -0.59 41.84 -12.90
C LYS B 86 -1.43 41.29 -11.77
N ALA B 87 -1.44 42.00 -10.65
CA ALA B 87 -2.23 41.59 -9.49
C ALA B 87 -3.68 41.49 -9.94
N GLY B 88 -4.52 40.87 -9.13
CA GLY B 88 -5.93 40.75 -9.47
C GLY B 88 -6.31 39.87 -10.65
N SER B 89 -5.49 38.89 -10.99
CA SER B 89 -5.83 38.02 -12.11
C SER B 89 -6.14 36.61 -11.59
N GLY B 90 -5.81 36.38 -10.32
CA GLY B 90 -6.04 35.11 -9.69
C GLY B 90 -4.84 34.19 -9.62
N LEU B 91 -3.63 34.78 -9.61
CA LEU B 91 -2.40 34.01 -9.58
C LEU B 91 -1.50 34.23 -8.39
N GLY B 92 -2.05 34.76 -7.31
CA GLY B 92 -1.27 35.01 -6.11
C GLY B 92 -0.14 36.02 -6.32
N SER B 93 -0.38 37.01 -7.18
CA SER B 93 0.66 38.02 -7.42
C SER B 93 1.18 38.62 -6.11
N SER B 94 0.25 39.06 -5.27
CA SER B 94 0.57 39.67 -3.98
C SER B 94 1.31 38.77 -3.01
N ALA B 95 0.84 37.53 -2.91
CA ALA B 95 1.44 36.55 -2.02
C ALA B 95 2.82 36.25 -2.55
N ALA B 96 3.02 36.48 -3.84
CA ALA B 96 4.35 36.26 -4.41
C ALA B 96 5.29 37.27 -3.76
N SER B 97 4.88 38.53 -3.66
CA SER B 97 5.74 39.53 -3.04
C SER B 97 5.92 39.32 -1.53
N SER B 98 4.85 38.93 -0.84
CA SER B 98 4.92 38.71 0.60
C SER B 98 5.86 37.57 0.96
N ALA B 99 5.58 36.41 0.38
CA ALA B 99 6.35 35.22 0.64
C ALA B 99 7.76 35.39 0.15
N GLY B 100 7.89 36.11 -0.96
CA GLY B 100 9.21 36.37 -1.50
C GLY B 100 9.97 37.22 -0.50
N THR B 101 9.28 38.19 0.07
CA THR B 101 9.92 39.09 1.01
C THR B 101 10.41 38.35 2.24
N ALA B 102 9.52 37.65 2.94
CA ALA B 102 9.91 36.92 4.14
C ALA B 102 11.03 35.91 3.89
N TYR B 103 10.93 35.16 2.79
CA TYR B 103 11.96 34.18 2.45
C TYR B 103 13.32 34.86 2.26
N ALA B 104 13.31 36.08 1.76
CA ALA B 104 14.55 36.83 1.55
C ALA B 104 15.08 37.31 2.91
N ILE B 105 14.23 38.04 3.63
CA ILE B 105 14.58 38.54 4.95
C ILE B 105 15.32 37.45 5.71
N ASN B 106 14.67 36.31 5.85
CA ASN B 106 15.25 35.16 6.54
C ASN B 106 16.59 34.79 5.95
N GLU B 107 16.68 34.79 4.63
CA GLU B 107 17.91 34.43 3.93
C GLU B 107 19.03 35.45 4.13
N LEU B 108 18.68 36.71 3.90
CA LEU B 108 19.62 37.83 4.01
C LEU B 108 20.27 37.94 5.38
N PHE B 109 19.53 37.66 6.44
CA PHE B 109 20.12 37.77 7.78
C PHE B 109 20.29 36.44 8.48
N LYS B 110 20.41 35.39 7.69
CA LYS B 110 20.60 34.03 8.18
C LYS B 110 19.80 33.62 9.42
N LEU B 111 18.57 34.13 9.53
CA LEU B 111 17.69 33.75 10.64
C LEU B 111 17.33 32.33 10.22
N ASN B 112 16.87 31.49 11.13
CA ASN B 112 16.55 30.12 10.74
C ASN B 112 15.08 29.75 10.92
N LEU B 113 14.21 30.66 10.51
CA LEU B 113 12.77 30.46 10.62
C LEU B 113 12.29 29.15 9.99
N ASP B 114 11.00 28.85 10.18
CA ASP B 114 10.39 27.64 9.63
C ASP B 114 9.57 28.01 8.40
N LYS B 115 9.62 27.18 7.36
CA LYS B 115 8.87 27.44 6.13
C LYS B 115 7.48 27.89 6.56
N LEU B 116 6.95 27.25 7.58
CA LEU B 116 5.63 27.59 8.09
C LEU B 116 5.62 28.99 8.72
N LYS B 117 6.66 29.31 9.50
CA LYS B 117 6.77 30.62 10.14
C LYS B 117 6.80 31.67 9.04
N LEU B 118 7.60 31.39 8.00
CA LEU B 118 7.71 32.28 6.85
C LEU B 118 6.34 32.46 6.23
N VAL B 119 5.54 31.39 6.23
CA VAL B 119 4.18 31.48 5.66
C VAL B 119 3.42 32.42 6.59
N ASP B 120 3.69 32.31 7.89
CA ASP B 120 3.04 33.13 8.89
C ASP B 120 3.31 34.60 8.64
N TYR B 121 4.59 34.94 8.62
CA TYR B 121 4.97 36.32 8.40
C TYR B 121 4.42 36.85 7.09
N ALA B 122 4.51 36.04 6.03
CA ALA B 122 4.00 36.44 4.71
C ALA B 122 2.52 36.72 4.77
N SER B 123 1.80 35.89 5.53
CA SER B 123 0.36 36.06 5.68
C SER B 123 0.08 37.34 6.42
N TYR B 124 0.92 37.63 7.42
CA TYR B 124 0.76 38.84 8.22
C TYR B 124 0.67 40.03 7.29
N GLY B 125 1.47 39.97 6.22
CA GLY B 125 1.49 41.04 5.24
C GLY B 125 0.20 41.09 4.45
N GLU B 126 -0.21 39.94 3.92
CA GLU B 126 -1.45 39.87 3.16
C GLU B 126 -2.60 40.30 4.05
N LEU B 127 -2.48 39.94 5.33
CA LEU B 127 -3.49 40.26 6.33
C LEU B 127 -3.52 41.76 6.63
N ALA B 128 -2.36 42.29 7.02
CA ALA B 128 -2.21 43.70 7.34
C ALA B 128 -2.56 44.59 6.15
N SER B 129 -2.72 43.99 4.97
CA SER B 129 -3.04 44.72 3.75
C SER B 129 -4.40 44.41 3.13
N SER B 130 -5.07 43.38 3.62
CA SER B 130 -6.37 43.00 3.06
C SER B 130 -7.27 42.38 4.12
N GLY B 131 -6.72 42.23 5.33
CA GLY B 131 -7.46 41.63 6.42
C GLY B 131 -7.53 40.11 6.37
N ALA B 132 -7.19 39.56 5.21
CA ALA B 132 -7.21 38.11 4.99
C ALA B 132 -5.79 37.57 4.93
N LYS B 133 -5.57 36.37 5.45
CA LYS B 133 -4.23 35.79 5.44
C LYS B 133 -3.78 35.34 4.04
N HIS B 134 -4.73 35.04 3.15
CA HIS B 134 -4.38 34.59 1.80
C HIS B 134 -3.36 33.46 1.89
N ALA B 135 -3.43 32.70 2.98
CA ALA B 135 -2.50 31.61 3.23
C ALA B 135 -2.54 30.50 2.20
N ASP B 136 -3.66 30.34 1.51
CA ASP B 136 -3.75 29.26 0.53
C ASP B 136 -2.91 29.56 -0.70
N ASN B 137 -2.44 30.81 -0.81
CA ASN B 137 -1.56 31.24 -1.90
C ASN B 137 -0.13 31.37 -1.40
N VAL B 138 0.00 31.86 -0.19
CA VAL B 138 1.30 32.08 0.42
C VAL B 138 1.96 30.77 0.81
N ALA B 139 1.16 29.80 1.21
CA ALA B 139 1.68 28.49 1.60
C ALA B 139 2.31 27.78 0.39
N PRO B 140 1.59 27.73 -0.73
CA PRO B 140 2.23 27.05 -1.86
C PRO B 140 3.45 27.84 -2.37
N ALA B 141 3.38 29.16 -2.28
CA ALA B 141 4.50 30.00 -2.71
C ALA B 141 5.75 29.59 -1.92
N ILE B 142 5.60 29.41 -0.62
CA ILE B 142 6.72 29.01 0.22
C ILE B 142 7.10 27.53 0.06
N PHE B 143 6.12 26.65 0.31
CA PHE B 143 6.35 25.22 0.26
C PHE B 143 6.64 24.59 -1.08
N GLY B 144 6.19 25.20 -2.16
CA GLY B 144 6.35 24.55 -3.46
C GLY B 144 5.31 23.41 -3.51
N GLY B 145 5.11 22.82 -4.67
CA GLY B 145 4.18 21.71 -4.80
C GLY B 145 2.71 22.02 -4.54
N PHE B 146 2.07 21.12 -3.79
CA PHE B 146 0.64 21.20 -3.45
C PHE B 146 0.53 21.38 -1.93
N THR B 147 -0.32 22.31 -1.53
CA THR B 147 -0.53 22.52 -0.11
C THR B 147 -2.01 22.60 0.24
N MET B 148 -2.29 22.37 1.51
CA MET B 148 -3.64 22.44 2.02
C MET B 148 -3.64 23.25 3.29
N VAL B 149 -4.43 24.33 3.31
CA VAL B 149 -4.54 25.11 4.53
C VAL B 149 -5.70 24.44 5.26
N THR B 150 -5.35 23.66 6.27
CA THR B 150 -6.33 22.87 7.04
C THR B 150 -6.83 23.48 8.33
N ASN B 151 -6.32 24.64 8.67
CA ASN B 151 -6.82 25.37 9.81
C ASN B 151 -6.28 26.77 9.67
N TYR B 152 -7.20 27.71 9.72
CA TYR B 152 -6.92 29.11 9.55
C TYR B 152 -6.57 29.79 10.86
N GLU B 153 -7.04 29.22 11.96
CA GLU B 153 -6.88 29.84 13.28
C GLU B 153 -6.60 28.89 14.43
N PRO B 154 -5.34 28.60 14.76
CA PRO B 154 -4.04 29.00 14.24
C PRO B 154 -3.88 28.46 12.83
N LEU B 155 -2.74 28.81 12.22
CA LEU B 155 -2.46 28.36 10.88
C LEU B 155 -1.83 26.96 10.86
N GLU B 156 -2.40 26.11 10.02
CA GLU B 156 -1.91 24.75 9.84
C GLU B 156 -1.84 24.54 8.33
N VAL B 157 -0.75 23.99 7.88
CA VAL B 157 -0.57 23.78 6.47
C VAL B 157 0.03 22.42 6.24
N LEU B 158 -0.52 21.68 5.29
CA LEU B 158 0.03 20.37 4.99
C LEU B 158 0.55 20.44 3.55
N HIS B 159 1.74 19.88 3.34
CA HIS B 159 2.38 19.90 2.05
C HIS B 159 2.49 18.53 1.39
N ILE B 160 2.23 18.50 0.09
CA ILE B 160 2.39 17.28 -0.66
C ILE B 160 3.29 17.61 -1.86
N PRO B 161 4.56 17.22 -1.78
CA PRO B 161 5.52 17.47 -2.88
C PRO B 161 4.98 16.82 -4.16
N ILE B 162 5.09 17.48 -5.31
CA ILE B 162 4.66 16.88 -6.57
C ILE B 162 5.95 16.37 -7.26
N ASP B 163 6.19 15.09 -7.10
CA ASP B 163 7.40 14.46 -7.62
C ASP B 163 7.38 14.04 -9.07
N PHE B 164 6.25 14.22 -9.74
CA PHE B 164 6.13 13.82 -11.11
C PHE B 164 5.84 15.05 -11.96
N LYS B 165 5.99 14.92 -13.27
CA LYS B 165 5.76 16.03 -14.18
C LYS B 165 4.26 16.31 -14.34
N LEU B 166 3.92 17.57 -14.18
CA LEU B 166 2.54 18.00 -14.30
C LEU B 166 2.55 19.24 -15.16
N ASP B 167 2.25 19.10 -16.44
CA ASP B 167 2.24 20.26 -17.31
C ASP B 167 1.06 21.18 -16.98
N ILE B 168 1.30 22.49 -17.03
CA ILE B 168 0.29 23.50 -16.73
C ILE B 168 0.18 24.57 -17.81
N LEU B 169 -1.04 24.92 -18.16
CA LEU B 169 -1.27 25.98 -19.16
C LEU B 169 -2.14 27.00 -18.43
N ILE B 170 -1.72 28.26 -18.48
CA ILE B 170 -2.43 29.36 -17.82
C ILE B 170 -2.90 30.37 -18.88
N ALA B 171 -4.17 30.75 -18.81
CA ALA B 171 -4.75 31.75 -19.72
C ALA B 171 -5.18 32.89 -18.81
N ILE B 172 -4.78 34.11 -19.16
CA ILE B 172 -5.07 35.30 -18.39
C ILE B 172 -5.89 36.26 -19.23
N PRO B 173 -7.21 36.24 -19.08
CA PRO B 173 -8.11 37.12 -19.83
C PRO B 173 -7.83 38.60 -19.52
N ASN B 174 -7.91 39.45 -20.54
CA ASN B 174 -7.68 40.89 -20.36
C ASN B 174 -8.90 41.54 -19.73
N ILE B 175 -9.20 41.13 -18.50
CA ILE B 175 -10.34 41.65 -17.78
C ILE B 175 -10.03 41.58 -16.31
N SER B 176 -10.79 42.33 -15.53
CA SER B 176 -10.60 42.36 -14.10
C SER B 176 -11.92 41.97 -13.44
N ILE B 177 -11.81 41.28 -12.32
CA ILE B 177 -12.97 40.89 -11.53
C ILE B 177 -12.66 41.36 -10.11
N ASN B 178 -13.57 42.11 -9.50
CA ASN B 178 -13.32 42.57 -8.13
C ASN B 178 -13.32 41.40 -7.17
N THR B 179 -12.13 41.09 -6.61
CA THR B 179 -12.01 39.99 -5.66
C THR B 179 -13.13 40.07 -4.63
N LYS B 180 -13.36 41.28 -4.12
CA LYS B 180 -14.39 41.49 -3.12
C LYS B 180 -15.82 41.37 -3.68
N GLU B 181 -16.14 42.08 -4.76
CA GLU B 181 -17.49 41.99 -5.34
C GLU B 181 -17.89 40.51 -5.45
N ALA B 182 -16.97 39.69 -5.95
CA ALA B 182 -17.20 38.27 -6.12
C ALA B 182 -17.01 37.52 -4.80
N ARG B 183 -17.69 38.01 -3.76
CA ARG B 183 -17.66 37.39 -2.45
C ARG B 183 -19.11 37.32 -2.05
N GLU B 184 -19.86 38.31 -2.50
CA GLU B 184 -21.27 38.40 -2.19
C GLU B 184 -22.12 37.45 -3.04
N ILE B 185 -21.76 37.27 -4.31
CA ILE B 185 -22.54 36.38 -5.18
C ILE B 185 -22.46 34.99 -4.57
N LEU B 186 -21.30 34.68 -4.00
CA LEU B 186 -21.09 33.40 -3.38
C LEU B 186 -22.20 33.15 -2.38
N PRO B 187 -22.85 31.98 -2.50
CA PRO B 187 -23.92 31.64 -1.57
C PRO B 187 -23.31 31.65 -0.17
N LYS B 188 -24.09 31.94 0.86
CA LYS B 188 -23.52 31.93 2.20
C LYS B 188 -23.87 30.63 2.91
N ALA B 189 -24.79 29.90 2.29
CA ALA B 189 -25.25 28.62 2.79
C ALA B 189 -25.31 27.67 1.63
N VAL B 190 -25.08 26.39 1.92
CA VAL B 190 -25.05 25.32 0.94
C VAL B 190 -25.88 24.10 1.35
N GLY B 191 -26.31 23.31 0.38
CA GLY B 191 -27.06 22.11 0.70
C GLY B 191 -26.14 20.96 1.13
N LEU B 192 -26.66 20.03 1.91
CA LEU B 192 -25.86 18.90 2.36
C LEU B 192 -25.20 18.21 1.18
N LYS B 193 -25.96 18.03 0.09
CA LYS B 193 -25.45 17.37 -1.10
C LYS B 193 -24.12 17.96 -1.55
N ASP B 194 -23.97 19.28 -1.44
CA ASP B 194 -22.74 19.91 -1.86
C ASP B 194 -21.61 19.68 -0.87
N LEU B 195 -21.92 19.57 0.42
CA LEU B 195 -20.90 19.29 1.41
C LEU B 195 -20.35 17.90 1.08
N VAL B 196 -21.26 16.97 0.82
CA VAL B 196 -20.90 15.60 0.52
C VAL B 196 -20.06 15.52 -0.75
N ASN B 197 -20.56 16.14 -1.82
CA ASN B 197 -19.83 16.13 -3.06
C ASN B 197 -18.42 16.71 -2.92
N ASN B 198 -18.31 17.90 -2.36
CA ASN B 198 -17.03 18.57 -2.28
C ASN B 198 -16.02 17.89 -1.38
N VAL B 199 -16.48 17.32 -0.28
CA VAL B 199 -15.61 16.64 0.64
C VAL B 199 -15.08 15.41 -0.07
N GLY B 200 -15.97 14.71 -0.77
CA GLY B 200 -15.56 13.51 -1.46
C GLY B 200 -14.58 13.76 -2.59
N LYS B 201 -14.93 14.72 -3.45
CA LYS B 201 -14.07 15.06 -4.58
C LYS B 201 -12.70 15.62 -4.13
N ALA B 202 -12.70 16.52 -3.15
CA ALA B 202 -11.45 17.08 -2.64
C ALA B 202 -10.55 15.96 -2.07
N CYS B 203 -11.12 15.08 -1.24
CA CYS B 203 -10.39 13.97 -0.65
C CYS B 203 -9.86 13.06 -1.79
N GLY B 204 -10.67 12.87 -2.82
CA GLY B 204 -10.27 12.07 -3.94
C GLY B 204 -9.06 12.69 -4.63
N MET B 205 -8.98 14.02 -4.65
CA MET B 205 -7.85 14.68 -5.29
C MET B 205 -6.58 14.41 -4.50
N VAL B 206 -6.71 14.36 -3.18
CA VAL B 206 -5.54 14.09 -2.34
C VAL B 206 -5.09 12.67 -2.66
N TYR B 207 -6.04 11.73 -2.64
CA TYR B 207 -5.77 10.33 -2.98
C TYR B 207 -5.07 10.28 -4.34
N ALA B 208 -5.60 11.03 -5.30
CA ALA B 208 -5.03 11.03 -6.64
C ALA B 208 -3.56 11.46 -6.68
N LEU B 209 -3.21 12.45 -5.88
CA LEU B 209 -1.84 12.95 -5.85
C LEU B 209 -0.88 11.86 -5.35
N TYR B 210 -1.26 11.17 -4.28
CA TYR B 210 -0.44 10.10 -3.74
C TYR B 210 -0.35 8.90 -4.70
N ASN B 211 -1.30 8.79 -5.61
CA ASN B 211 -1.31 7.68 -6.51
C ASN B 211 -0.86 8.17 -7.84
N LYS B 212 -0.40 9.42 -7.88
CA LYS B 212 0.08 10.07 -9.09
C LYS B 212 -0.84 9.85 -10.25
N ASP B 213 -2.14 10.01 -10.01
CA ASP B 213 -3.18 9.84 -11.00
C ASP B 213 -3.72 11.19 -11.50
N LYS B 214 -3.09 11.74 -12.54
CA LYS B 214 -3.49 13.03 -13.11
C LYS B 214 -4.92 13.05 -13.56
N SER B 215 -5.34 11.97 -14.20
CA SER B 215 -6.70 11.86 -14.71
C SER B 215 -7.77 12.02 -13.64
N LEU B 216 -7.58 11.28 -12.55
CA LEU B 216 -8.51 11.35 -11.44
C LEU B 216 -8.45 12.77 -10.79
N PHE B 217 -7.24 13.28 -10.58
CA PHE B 217 -7.07 14.58 -9.96
C PHE B 217 -7.81 15.67 -10.75
N GLY B 218 -7.63 15.66 -12.06
CA GLY B 218 -8.24 16.65 -12.92
C GLY B 218 -9.74 16.51 -13.08
N ARG B 219 -10.23 15.27 -13.09
CA ARG B 219 -11.66 15.09 -13.23
C ARG B 219 -12.37 15.53 -11.95
N TYR B 220 -11.83 15.15 -10.79
CA TYR B 220 -12.50 15.56 -9.55
C TYR B 220 -12.42 17.08 -9.36
N MET B 221 -11.33 17.66 -9.84
CA MET B 221 -11.11 19.10 -9.73
C MET B 221 -12.25 19.89 -10.38
N MET B 222 -12.81 19.37 -11.46
CA MET B 222 -13.87 20.05 -12.20
C MET B 222 -15.28 19.78 -11.66
N SER B 223 -15.39 19.28 -10.44
CA SER B 223 -16.70 18.91 -9.91
C SER B 223 -17.46 19.85 -8.96
N ASP B 224 -16.94 21.04 -8.70
CA ASP B 224 -17.61 21.95 -7.80
C ASP B 224 -18.87 22.51 -8.42
N LYS B 225 -19.92 22.63 -7.62
CA LYS B 225 -21.14 23.18 -8.16
C LYS B 225 -21.62 24.30 -7.26
N VAL B 226 -20.77 24.65 -6.30
CA VAL B 226 -21.06 25.69 -5.34
C VAL B 226 -20.54 27.05 -5.85
N ILE B 227 -19.25 27.12 -6.12
CA ILE B 227 -18.64 28.36 -6.54
C ILE B 227 -18.42 28.51 -8.02
N GLU B 228 -17.78 27.51 -8.62
CA GLU B 228 -17.49 27.53 -10.05
C GLU B 228 -18.62 27.88 -11.00
N PRO B 229 -19.80 27.31 -10.80
CA PRO B 229 -20.87 27.68 -11.75
C PRO B 229 -21.25 29.18 -11.67
N VAL B 230 -21.00 29.79 -10.51
CA VAL B 230 -21.33 31.20 -10.30
C VAL B 230 -20.20 32.09 -10.84
N ARG B 231 -19.02 31.89 -10.28
CA ARG B 231 -17.85 32.64 -10.63
C ARG B 231 -17.47 32.51 -12.10
N GLY B 232 -17.75 31.36 -12.68
CA GLY B 232 -17.40 31.13 -14.07
C GLY B 232 -18.21 31.93 -15.08
N LYS B 233 -19.38 32.41 -14.67
CA LYS B 233 -20.23 33.18 -15.58
C LYS B 233 -19.57 34.50 -15.92
N LEU B 234 -18.75 35.01 -15.02
CA LEU B 234 -18.07 36.27 -15.24
C LEU B 234 -16.79 36.14 -16.08
N ILE B 235 -16.49 34.95 -16.60
CA ILE B 235 -15.28 34.80 -17.38
C ILE B 235 -15.71 34.48 -18.79
N PRO B 236 -15.46 35.43 -19.70
CA PRO B 236 -15.85 35.22 -21.08
C PRO B 236 -15.36 33.91 -21.65
N ASN B 237 -16.31 33.16 -22.20
CA ASN B 237 -16.05 31.88 -22.87
C ASN B 237 -15.53 30.67 -22.04
N TYR B 238 -15.27 30.88 -20.74
CA TYR B 238 -14.74 29.82 -19.90
C TYR B 238 -15.49 28.51 -20.04
N PHE B 239 -16.81 28.55 -19.85
CA PHE B 239 -17.61 27.35 -19.96
C PHE B 239 -17.49 26.68 -21.31
N LYS B 240 -17.46 27.49 -22.35
CA LYS B 240 -17.36 26.95 -23.71
C LYS B 240 -15.98 26.35 -23.96
N ILE B 241 -14.95 26.92 -23.35
CA ILE B 241 -13.60 26.42 -23.53
C ILE B 241 -13.45 25.09 -22.80
N LYS B 242 -14.05 25.02 -21.61
CA LYS B 242 -13.99 23.81 -20.80
C LYS B 242 -14.52 22.66 -21.64
N GLU B 243 -15.67 22.86 -22.29
CA GLU B 243 -16.23 21.80 -23.11
C GLU B 243 -15.37 21.48 -24.33
N GLU B 244 -14.72 22.51 -24.88
CA GLU B 244 -13.90 22.33 -26.08
C GLU B 244 -12.57 21.60 -25.88
N VAL B 245 -11.93 21.75 -24.73
CA VAL B 245 -10.66 21.05 -24.52
C VAL B 245 -10.92 19.77 -23.71
N LYS B 246 -12.20 19.51 -23.48
CA LYS B 246 -12.76 18.35 -22.76
C LYS B 246 -11.86 17.10 -22.71
N ASP B 247 -11.56 16.56 -23.88
CA ASP B 247 -10.76 15.34 -23.94
C ASP B 247 -9.29 15.57 -24.11
N LYS B 248 -8.88 16.82 -24.11
CA LYS B 248 -7.46 17.09 -24.31
C LYS B 248 -6.70 17.50 -23.08
N VAL B 249 -7.43 17.63 -21.96
CA VAL B 249 -6.81 18.00 -20.70
C VAL B 249 -7.20 17.00 -19.60
N TYR B 250 -6.39 16.87 -18.58
CA TYR B 250 -6.78 16.01 -17.47
C TYR B 250 -7.87 16.77 -16.73
N GLY B 251 -7.77 18.10 -16.77
CA GLY B 251 -8.75 18.96 -16.11
C GLY B 251 -8.50 20.44 -16.37
N ILE B 252 -9.54 21.24 -16.20
CA ILE B 252 -9.41 22.69 -16.39
C ILE B 252 -10.35 23.43 -15.46
N THR B 253 -9.83 24.41 -14.72
CA THR B 253 -10.67 25.16 -13.78
C THR B 253 -10.20 26.62 -13.63
N ILE B 254 -10.89 27.39 -12.79
CA ILE B 254 -10.56 28.78 -12.52
C ILE B 254 -9.40 28.84 -11.54
N SER B 255 -8.45 29.71 -11.80
CA SER B 255 -7.33 29.88 -10.89
C SER B 255 -7.69 30.96 -9.84
N GLY B 256 -7.84 30.58 -8.57
CA GLY B 256 -8.21 31.55 -7.54
C GLY B 256 -9.59 32.13 -7.81
N SER B 257 -9.74 33.44 -7.68
CA SER B 257 -11.04 34.06 -7.94
C SER B 257 -11.18 34.47 -9.39
N GLY B 258 -10.22 34.09 -10.23
CA GLY B 258 -10.35 34.44 -11.64
C GLY B 258 -9.78 35.83 -11.91
N PRO B 259 -9.82 36.28 -13.17
CA PRO B 259 -10.35 35.58 -14.35
C PRO B 259 -9.37 34.52 -14.95
N SER B 260 -8.15 34.46 -14.43
CA SER B 260 -7.16 33.49 -14.94
C SER B 260 -7.69 32.06 -14.86
N ILE B 261 -7.30 31.24 -15.83
CA ILE B 261 -7.72 29.86 -15.94
C ILE B 261 -6.50 28.91 -15.93
N ILE B 262 -6.59 27.80 -15.20
CA ILE B 262 -5.50 26.82 -15.15
C ILE B 262 -5.95 25.47 -15.73
N ALA B 263 -5.18 24.93 -16.67
CA ALA B 263 -5.51 23.66 -17.30
C ALA B 263 -4.32 22.69 -17.20
N PHE B 264 -4.61 21.40 -17.12
CA PHE B 264 -3.56 20.38 -17.05
C PHE B 264 -3.74 19.65 -18.35
N PRO B 265 -3.01 20.07 -19.39
CA PRO B 265 -3.15 19.42 -20.69
C PRO B 265 -2.53 18.01 -20.74
N LYS B 266 -3.10 17.13 -21.55
CA LYS B 266 -2.48 15.80 -21.69
C LYS B 266 -1.24 16.00 -22.55
N GLU B 267 -0.22 15.21 -22.27
CA GLU B 267 1.04 15.30 -23.00
C GLU B 267 0.77 15.39 -24.50
N GLU B 268 -0.04 14.47 -25.00
CA GLU B 268 -0.41 14.41 -26.41
C GLU B 268 -1.03 15.67 -27.02
N PHE B 269 -1.66 16.53 -26.22
CA PHE B 269 -2.31 17.70 -26.80
C PHE B 269 -1.86 19.05 -26.30
N ILE B 270 -0.74 19.12 -25.61
CA ILE B 270 -0.31 20.38 -25.05
C ILE B 270 -0.23 21.55 -26.03
N ASP B 271 0.39 21.35 -27.19
CA ASP B 271 0.48 22.43 -28.17
C ASP B 271 -0.91 22.90 -28.59
N GLU B 272 -1.74 21.93 -28.99
CA GLU B 272 -3.09 22.24 -29.43
C GLU B 272 -3.96 22.91 -28.37
N VAL B 273 -3.82 22.51 -27.12
CA VAL B 273 -4.62 23.13 -26.06
C VAL B 273 -4.12 24.55 -25.83
N GLU B 274 -2.81 24.73 -25.84
CA GLU B 274 -2.27 26.06 -25.64
C GLU B 274 -2.74 26.97 -26.79
N ASN B 275 -2.85 26.43 -28.00
CA ASN B 275 -3.31 27.25 -29.10
C ASN B 275 -4.76 27.62 -28.97
N ILE B 276 -5.58 26.70 -28.46
CA ILE B 276 -7.00 27.03 -28.27
C ILE B 276 -7.09 28.15 -27.22
N LEU B 277 -6.31 28.04 -26.16
CA LEU B 277 -6.33 29.04 -25.11
C LEU B 277 -5.81 30.39 -25.62
N ARG B 278 -4.86 30.35 -26.55
CA ARG B 278 -4.34 31.61 -27.10
C ARG B 278 -5.37 32.23 -28.01
N ASP B 279 -6.14 31.41 -28.71
CA ASP B 279 -7.17 31.93 -29.59
C ASP B 279 -8.31 32.66 -28.85
N TYR B 280 -8.69 32.17 -27.67
CA TYR B 280 -9.76 32.83 -26.93
C TYR B 280 -9.22 34.01 -26.13
N TYR B 281 -8.25 33.76 -25.27
CA TYR B 281 -7.67 34.80 -24.46
C TYR B 281 -6.47 35.17 -25.25
N GLU B 282 -5.61 36.02 -24.74
CA GLU B 282 -4.48 36.36 -25.60
C GLU B 282 -3.20 35.95 -24.92
N ASN B 283 -3.25 36.02 -23.61
CA ASN B 283 -2.12 35.71 -22.77
C ASN B 283 -2.14 34.30 -22.21
N THR B 284 -1.16 33.51 -22.64
CA THR B 284 -1.02 32.14 -22.20
C THR B 284 0.40 31.83 -21.79
N ILE B 285 0.55 31.06 -20.71
CA ILE B 285 1.88 30.65 -20.35
C ILE B 285 1.90 29.16 -20.04
N ARG B 286 2.96 28.49 -20.50
CA ARG B 286 3.14 27.08 -20.30
C ARG B 286 4.13 26.91 -19.17
N THR B 287 3.73 26.27 -18.08
CA THR B 287 4.62 26.02 -16.93
C THR B 287 4.44 24.59 -16.48
N GLU B 288 4.78 24.38 -15.22
CA GLU B 288 4.65 23.11 -14.54
C GLU B 288 4.60 23.46 -13.08
N VAL B 289 4.57 22.46 -12.22
CA VAL B 289 4.49 22.73 -10.79
C VAL B 289 5.83 23.29 -10.35
N GLY B 290 5.80 24.35 -9.54
CA GLY B 290 7.02 24.96 -9.07
C GLY B 290 7.44 24.46 -7.72
N LYS B 291 8.61 24.92 -7.24
CA LYS B 291 9.14 24.51 -5.95
C LYS B 291 9.13 25.61 -4.93
N GLY B 292 8.45 26.70 -5.23
CA GLY B 292 8.38 27.79 -4.29
C GLY B 292 9.56 28.76 -4.37
N VAL B 293 9.51 29.82 -3.56
CA VAL B 293 10.55 30.84 -3.54
C VAL B 293 11.93 30.24 -3.32
N GLU B 294 12.88 30.65 -4.16
CA GLU B 294 14.26 30.15 -4.06
C GLU B 294 15.28 31.22 -4.43
N VAL B 295 16.47 31.11 -3.88
CA VAL B 295 17.54 32.07 -4.14
C VAL B 295 18.02 32.01 -5.59
N VAL B 296 17.93 33.15 -6.29
CA VAL B 296 18.36 33.22 -7.68
C VAL B 296 19.81 33.66 -7.76
N MET C 1 -19.31 1.21 -28.13
CA MET C 1 -18.71 1.44 -29.48
C MET C 1 -17.21 1.11 -29.43
N LYS C 2 -16.40 1.90 -28.74
CA LYS C 2 -14.98 1.59 -28.68
C LYS C 2 -14.23 2.07 -27.44
N VAL C 3 -13.05 1.50 -27.22
CA VAL C 3 -12.19 1.87 -26.08
C VAL C 3 -10.72 1.78 -26.50
N ARG C 4 -9.94 2.76 -26.07
CA ARG C 4 -8.53 2.80 -26.40
C ARG C 4 -7.77 2.66 -25.10
N VAL C 5 -6.72 1.85 -25.11
CA VAL C 5 -6.00 1.62 -23.89
C VAL C 5 -4.49 1.67 -24.11
N LYS C 6 -3.76 1.97 -23.05
CA LYS C 6 -2.29 2.01 -23.04
C LYS C 6 -1.85 0.76 -22.23
N ALA C 7 -1.19 -0.21 -22.88
CA ALA C 7 -0.78 -1.44 -22.20
C ALA C 7 0.75 -1.48 -22.11
N PRO C 8 1.28 -1.45 -20.90
CA PRO C 8 2.73 -1.43 -20.68
C PRO C 8 3.59 -2.67 -20.77
N CYS C 9 4.84 -2.43 -21.16
CA CYS C 9 5.86 -3.44 -21.22
C CYS C 9 6.14 -3.77 -19.76
N THR C 10 6.73 -4.95 -19.53
CA THR C 10 6.96 -5.46 -18.19
C THR C 10 8.32 -6.21 -18.13
N SER C 11 8.91 -6.24 -16.95
CA SER C 11 10.18 -6.90 -16.81
C SER C 11 10.04 -8.05 -15.79
N ALA C 12 10.16 -9.30 -16.29
CA ALA C 12 9.97 -10.51 -15.47
C ALA C 12 11.27 -11.12 -14.96
N ASN C 13 11.14 -12.08 -14.05
CA ASN C 13 12.22 -12.84 -13.39
C ASN C 13 13.01 -12.03 -12.39
N LEU C 14 13.60 -10.91 -12.81
CA LEU C 14 14.40 -10.09 -11.89
C LEU C 14 15.40 -10.95 -11.08
N GLY C 15 16.21 -11.71 -11.78
CA GLY C 15 17.20 -12.50 -11.06
C GLY C 15 16.69 -13.71 -10.30
N VAL C 16 16.58 -13.60 -8.99
CA VAL C 16 16.13 -14.73 -8.19
C VAL C 16 14.63 -14.99 -8.24
N GLY C 17 13.89 -14.10 -8.93
CA GLY C 17 12.44 -14.25 -9.01
C GLY C 17 11.93 -14.98 -10.25
N PHE C 18 12.84 -15.74 -10.84
CA PHE C 18 12.55 -16.48 -12.05
C PHE C 18 11.19 -17.11 -12.09
N ASP C 19 10.40 -16.71 -13.07
CA ASP C 19 9.05 -17.24 -13.22
C ASP C 19 8.05 -16.89 -12.12
N VAL C 20 8.40 -15.95 -11.26
CA VAL C 20 7.50 -15.54 -10.20
C VAL C 20 7.33 -14.01 -10.24
N PHE C 21 8.45 -13.28 -10.14
CA PHE C 21 8.48 -11.83 -10.10
C PHE C 21 8.20 -11.13 -11.41
N GLY C 22 7.62 -9.94 -11.29
CA GLY C 22 7.34 -9.12 -12.45
C GLY C 22 7.26 -7.66 -11.99
N LEU C 23 7.77 -6.74 -12.81
CA LEU C 23 7.71 -5.34 -12.49
C LEU C 23 7.12 -4.63 -13.69
N CYS C 24 6.10 -3.83 -13.45
CA CYS C 24 5.47 -3.07 -14.51
C CYS C 24 6.26 -1.79 -14.87
N LEU C 25 6.48 -1.58 -16.18
CA LEU C 25 7.17 -0.38 -16.64
C LEU C 25 6.14 0.67 -17.07
N LYS C 26 6.57 1.92 -17.12
CA LYS C 26 5.68 2.97 -17.58
C LYS C 26 5.86 3.03 -19.09
N GLU C 27 7.08 2.77 -19.55
CA GLU C 27 7.38 2.80 -20.97
C GLU C 27 8.36 1.68 -21.22
N PRO C 28 8.32 1.04 -22.41
CA PRO C 28 7.41 1.27 -23.54
C PRO C 28 6.04 0.66 -23.31
N TYR C 29 5.11 0.91 -24.24
CA TYR C 29 3.75 0.40 -24.15
C TYR C 29 3.10 0.29 -25.54
N ASP C 30 2.08 -0.55 -25.63
CA ASP C 30 1.32 -0.72 -26.87
C ASP C 30 0.13 0.24 -26.69
N VAL C 31 -0.42 0.71 -27.79
CA VAL C 31 -1.64 1.52 -27.72
C VAL C 31 -2.62 0.62 -28.44
N ILE C 32 -3.67 0.20 -27.73
CA ILE C 32 -4.60 -0.71 -28.34
C ILE C 32 -6.02 -0.16 -28.38
N GLU C 33 -6.65 -0.21 -29.54
CA GLU C 33 -8.02 0.24 -29.67
C GLU C 33 -8.88 -0.96 -30.00
N VAL C 34 -10.03 -1.05 -29.34
CA VAL C 34 -10.94 -2.14 -29.57
C VAL C 34 -12.27 -1.50 -29.82
N GLU C 35 -12.92 -1.98 -30.88
CA GLU C 35 -14.21 -1.46 -31.30
C GLU C 35 -15.17 -2.60 -31.59
N ALA C 36 -16.36 -2.52 -31.01
CA ALA C 36 -17.36 -3.55 -31.23
C ALA C 36 -17.87 -3.44 -32.67
N ILE C 37 -18.24 -4.57 -33.27
CA ILE C 37 -18.78 -4.53 -34.61
C ILE C 37 -19.86 -5.58 -34.70
N ASP C 38 -20.83 -5.36 -35.60
CA ASP C 38 -21.94 -6.28 -35.79
C ASP C 38 -21.58 -7.65 -36.32
N ASP C 39 -20.65 -7.74 -37.25
CA ASP C 39 -20.31 -9.07 -37.74
C ASP C 39 -19.41 -9.83 -36.77
N LYS C 40 -19.92 -10.98 -36.35
CA LYS C 40 -19.23 -11.84 -35.40
C LYS C 40 -17.88 -12.32 -35.92
N GLU C 41 -17.00 -11.36 -36.17
CA GLU C 41 -15.67 -11.63 -36.70
C GLU C 41 -14.63 -10.86 -35.86
N ILE C 42 -13.39 -11.34 -35.83
CA ILE C 42 -12.35 -10.63 -35.09
C ILE C 42 -11.36 -10.14 -36.11
N ILE C 43 -11.29 -8.82 -36.27
CA ILE C 43 -10.40 -8.17 -37.23
C ILE C 43 -9.27 -7.46 -36.52
N ILE C 44 -8.04 -7.69 -36.99
CA ILE C 44 -6.86 -7.12 -36.37
C ILE C 44 -5.92 -6.34 -37.27
N GLU C 45 -5.45 -5.20 -36.78
CA GLU C 45 -4.50 -4.37 -37.53
C GLU C 45 -3.32 -4.03 -36.63
N VAL C 46 -2.11 -4.28 -37.12
CA VAL C 46 -0.90 -4.00 -36.35
C VAL C 46 0.08 -3.19 -37.19
N ASP C 47 0.74 -2.22 -36.57
CA ASP C 47 1.72 -1.38 -37.27
C ASP C 47 3.06 -2.09 -37.41
N ASP C 48 3.01 -3.39 -37.69
CA ASP C 48 4.23 -4.17 -37.84
C ASP C 48 3.90 -5.47 -38.59
N LYS C 49 4.09 -5.49 -39.91
CA LYS C 49 3.76 -6.72 -40.65
C LYS C 49 4.41 -7.95 -40.03
N ASN C 50 5.58 -7.77 -39.44
CA ASN C 50 6.24 -8.87 -38.77
C ASN C 50 5.29 -9.59 -37.78
N ILE C 51 4.12 -9.00 -37.53
CA ILE C 51 3.13 -9.57 -36.61
C ILE C 51 1.88 -10.04 -37.35
N PRO C 52 1.52 -11.33 -37.19
CA PRO C 52 0.34 -11.95 -37.83
C PRO C 52 -0.97 -11.26 -37.49
N THR C 53 -1.78 -10.99 -38.50
CA THR C 53 -3.06 -10.33 -38.25
C THR C 53 -4.16 -11.38 -38.17
N ASP C 54 -3.81 -12.62 -38.47
CA ASP C 54 -4.75 -13.74 -38.40
C ASP C 54 -5.17 -13.89 -36.92
N PRO C 55 -6.47 -13.71 -36.62
CA PRO C 55 -6.96 -13.81 -35.23
C PRO C 55 -6.65 -15.09 -34.43
N ASP C 56 -6.40 -16.19 -35.10
CA ASP C 56 -6.09 -17.41 -34.37
C ASP C 56 -4.58 -17.48 -34.11
N LYS C 57 -3.83 -16.51 -34.62
CA LYS C 57 -2.39 -16.46 -34.43
C LYS C 57 -2.00 -15.26 -33.57
N ASN C 58 -2.69 -14.15 -33.76
CA ASN C 58 -2.36 -12.98 -33.00
C ASN C 58 -2.92 -13.08 -31.59
N VAL C 59 -1.99 -12.94 -30.67
CA VAL C 59 -2.25 -12.98 -29.26
C VAL C 59 -3.50 -12.18 -28.84
N ALA C 60 -3.72 -11.00 -29.42
CA ALA C 60 -4.90 -10.23 -29.07
C ALA C 60 -6.17 -10.94 -29.58
N GLY C 61 -6.10 -11.54 -30.77
CA GLY C 61 -7.26 -12.23 -31.30
C GLY C 61 -7.64 -13.45 -30.46
N ILE C 62 -6.64 -14.15 -29.96
CA ILE C 62 -6.88 -15.32 -29.12
C ILE C 62 -7.54 -14.95 -27.77
N VAL C 63 -7.07 -13.86 -27.16
CA VAL C 63 -7.66 -13.41 -25.88
C VAL C 63 -9.11 -12.97 -26.07
N ALA C 64 -9.34 -12.20 -27.12
CA ALA C 64 -10.67 -11.68 -27.43
C ALA C 64 -11.70 -12.80 -27.66
N LYS C 65 -11.34 -13.73 -28.54
CA LYS C 65 -12.22 -14.83 -28.89
C LYS C 65 -12.57 -15.64 -27.66
N LYS C 66 -11.56 -15.90 -26.87
CA LYS C 66 -11.77 -16.67 -25.68
C LYS C 66 -12.79 -15.96 -24.78
N MET C 67 -12.65 -14.66 -24.62
CA MET C 67 -13.58 -13.92 -23.76
C MET C 67 -14.94 -13.72 -24.48
N ILE C 68 -14.89 -13.50 -25.78
CA ILE C 68 -16.12 -13.35 -26.54
C ILE C 68 -16.90 -14.67 -26.41
N ASP C 69 -16.23 -15.81 -26.53
CA ASP C 69 -16.91 -17.09 -26.36
C ASP C 69 -17.41 -17.32 -24.93
N ASP C 70 -16.59 -17.04 -23.91
CA ASP C 70 -17.04 -17.28 -22.53
C ASP C 70 -18.22 -16.43 -22.08
N PHE C 71 -18.31 -15.19 -22.59
CA PHE C 71 -19.39 -14.32 -22.17
C PHE C 71 -20.53 -14.19 -23.16
N ASN C 72 -20.54 -15.05 -24.16
CA ASN C 72 -21.58 -15.03 -25.20
C ASN C 72 -21.81 -13.63 -25.71
N ILE C 73 -20.72 -12.95 -26.04
CA ILE C 73 -20.83 -11.60 -26.58
C ILE C 73 -21.26 -11.81 -28.04
N GLY C 74 -22.32 -11.14 -28.44
CA GLY C 74 -22.82 -11.32 -29.78
C GLY C 74 -22.14 -10.47 -30.82
N LYS C 75 -21.22 -9.61 -30.41
CA LYS C 75 -20.57 -8.75 -31.35
C LYS C 75 -19.17 -9.22 -31.69
N GLY C 76 -18.60 -8.63 -32.73
CA GLY C 76 -17.25 -8.96 -33.11
C GLY C 76 -16.47 -7.73 -32.72
N VAL C 77 -15.15 -7.74 -32.88
CA VAL C 77 -14.39 -6.55 -32.53
C VAL C 77 -13.32 -6.34 -33.56
N LYS C 78 -12.99 -5.06 -33.74
CA LYS C 78 -11.88 -4.68 -34.60
C LYS C 78 -10.80 -4.22 -33.58
N ILE C 79 -9.60 -4.79 -33.69
CA ILE C 79 -8.53 -4.47 -32.77
C ILE C 79 -7.36 -3.84 -33.48
N THR C 80 -7.08 -2.59 -33.14
CA THR C 80 -5.97 -1.90 -33.77
C THR C 80 -4.81 -1.76 -32.78
N ILE C 81 -3.63 -2.20 -33.19
CA ILE C 81 -2.48 -2.19 -32.31
C ILE C 81 -1.26 -1.43 -32.82
N LYS C 82 -0.73 -0.54 -31.97
CA LYS C 82 0.52 0.19 -32.25
C LYS C 82 1.48 -0.37 -31.22
N LYS C 83 2.50 -1.07 -31.69
CA LYS C 83 3.46 -1.72 -30.81
C LYS C 83 4.52 -0.81 -30.19
N GLY C 84 4.71 -0.97 -28.89
CA GLY C 84 5.73 -0.21 -28.20
C GLY C 84 7.09 -0.77 -28.50
N VAL C 85 7.21 -2.09 -28.44
CA VAL C 85 8.51 -2.68 -28.70
C VAL C 85 8.40 -4.02 -29.43
N LYS C 86 9.48 -4.40 -30.09
CA LYS C 86 9.49 -5.64 -30.85
C LYS C 86 9.45 -6.87 -29.93
N ALA C 87 8.90 -7.95 -30.47
CA ALA C 87 8.81 -9.20 -29.76
C ALA C 87 10.23 -9.74 -29.59
N GLY C 88 10.40 -10.69 -28.67
CA GLY C 88 11.71 -11.28 -28.48
C GLY C 88 12.74 -10.40 -27.77
N SER C 89 12.31 -9.28 -27.18
CA SER C 89 13.24 -8.40 -26.48
C SER C 89 13.27 -8.58 -24.95
N GLY C 90 12.34 -9.36 -24.41
CA GLY C 90 12.31 -9.62 -22.99
C GLY C 90 11.57 -8.54 -22.22
N LEU C 91 10.73 -7.78 -22.92
CA LEU C 91 9.97 -6.70 -22.26
C LEU C 91 8.45 -6.92 -22.23
N GLY C 92 8.04 -8.19 -22.31
CA GLY C 92 6.62 -8.49 -22.27
C GLY C 92 5.79 -7.82 -23.36
N SER C 93 6.37 -7.74 -24.55
CA SER C 93 5.70 -7.15 -25.71
C SER C 93 4.35 -7.84 -25.98
N SER C 94 4.43 -9.16 -26.12
CA SER C 94 3.29 -10.05 -26.35
C SER C 94 2.30 -9.89 -25.19
N ALA C 95 2.84 -9.89 -23.97
CA ALA C 95 2.00 -9.71 -22.79
C ALA C 95 1.26 -8.36 -22.83
N ALA C 96 1.85 -7.33 -23.45
CA ALA C 96 1.19 -6.01 -23.51
C ALA C 96 -0.07 -6.16 -24.32
N SER C 97 0.03 -6.79 -25.49
CA SER C 97 -1.15 -6.99 -26.31
C SER C 97 -2.20 -7.87 -25.62
N SER C 98 -1.75 -8.93 -24.97
CA SER C 98 -2.68 -9.82 -24.30
C SER C 98 -3.43 -9.16 -23.15
N ALA C 99 -2.67 -8.51 -22.28
CA ALA C 99 -3.25 -7.82 -21.12
C ALA C 99 -4.05 -6.62 -21.60
N GLY C 100 -3.51 -5.84 -22.52
CA GLY C 100 -4.25 -4.68 -22.98
C GLY C 100 -5.58 -5.12 -23.59
N THR C 101 -5.55 -6.21 -24.32
CA THR C 101 -6.78 -6.71 -24.94
C THR C 101 -7.81 -7.20 -23.90
N ALA C 102 -7.37 -7.96 -22.91
CA ALA C 102 -8.34 -8.45 -21.93
C ALA C 102 -8.95 -7.31 -21.19
N TYR C 103 -8.14 -6.31 -20.82
CA TYR C 103 -8.64 -5.13 -20.10
C TYR C 103 -9.64 -4.37 -21.01
N ALA C 104 -9.27 -4.19 -22.27
CA ALA C 104 -10.08 -3.50 -23.26
C ALA C 104 -11.46 -4.14 -23.44
N ILE C 105 -11.49 -5.48 -23.57
CA ILE C 105 -12.74 -6.22 -23.75
C ILE C 105 -13.58 -6.05 -22.50
N ASN C 106 -12.94 -6.20 -21.35
CA ASN C 106 -13.63 -6.05 -20.07
C ASN C 106 -14.32 -4.66 -19.96
N GLU C 107 -13.68 -3.62 -20.49
CA GLU C 107 -14.25 -2.26 -20.43
C GLU C 107 -15.36 -2.06 -21.50
N LEU C 108 -15.08 -2.44 -22.73
CA LEU C 108 -16.02 -2.31 -23.81
C LEU C 108 -17.37 -2.98 -23.52
N PHE C 109 -17.33 -4.24 -23.11
CA PHE C 109 -18.57 -4.94 -22.81
C PHE C 109 -18.94 -4.96 -21.32
N LYS C 110 -18.40 -4.02 -20.54
CA LYS C 110 -18.71 -3.94 -19.11
C LYS C 110 -18.82 -5.31 -18.37
N LEU C 111 -17.78 -6.11 -18.46
CA LEU C 111 -17.83 -7.40 -17.80
C LEU C 111 -17.60 -7.32 -16.28
N ASN C 112 -17.06 -6.20 -15.80
CA ASN C 112 -16.82 -6.04 -14.36
C ASN C 112 -15.94 -7.11 -13.73
N LEU C 113 -15.04 -7.66 -14.51
CA LEU C 113 -14.13 -8.71 -14.02
C LEU C 113 -13.00 -8.14 -13.15
N ASP C 114 -12.55 -8.91 -12.14
CA ASP C 114 -11.46 -8.44 -11.30
C ASP C 114 -10.12 -8.64 -12.02
N LYS C 115 -9.07 -8.02 -11.50
CA LYS C 115 -7.78 -8.05 -12.15
C LYS C 115 -7.17 -9.43 -12.33
N LEU C 116 -7.36 -10.30 -11.36
CA LEU C 116 -6.83 -11.66 -11.46
C LEU C 116 -7.48 -12.37 -12.64
N LYS C 117 -8.80 -12.21 -12.82
CA LYS C 117 -9.43 -12.88 -13.96
C LYS C 117 -8.89 -12.30 -15.29
N LEU C 118 -8.59 -11.01 -15.33
CA LEU C 118 -8.05 -10.42 -16.56
C LEU C 118 -6.65 -11.02 -16.87
N VAL C 119 -5.85 -11.24 -15.82
CA VAL C 119 -4.53 -11.82 -15.97
C VAL C 119 -4.69 -13.25 -16.52
N ASP C 120 -5.63 -13.97 -15.93
CA ASP C 120 -5.96 -15.34 -16.34
C ASP C 120 -6.25 -15.36 -17.86
N TYR C 121 -7.18 -14.52 -18.32
CA TYR C 121 -7.49 -14.45 -19.75
C TYR C 121 -6.28 -14.06 -20.58
N ALA C 122 -5.56 -13.02 -20.13
CA ALA C 122 -4.39 -12.58 -20.85
C ALA C 122 -3.33 -13.66 -20.92
N SER C 123 -3.22 -14.51 -19.90
CA SER C 123 -2.23 -15.56 -19.94
C SER C 123 -2.50 -16.58 -21.09
N TYR C 124 -3.72 -16.62 -21.62
CA TYR C 124 -3.99 -17.53 -22.74
C TYR C 124 -3.18 -17.06 -23.94
N GLY C 125 -3.01 -15.73 -24.03
CA GLY C 125 -2.22 -15.17 -25.11
C GLY C 125 -0.79 -15.65 -24.96
N GLU C 126 -0.29 -15.70 -23.73
CA GLU C 126 1.08 -16.15 -23.52
C GLU C 126 1.21 -17.64 -23.84
N LEU C 127 0.14 -18.41 -23.56
CA LEU C 127 0.12 -19.85 -23.84
C LEU C 127 0.33 -20.04 -25.34
N ALA C 128 -0.37 -19.24 -26.12
CA ALA C 128 -0.25 -19.34 -27.57
C ALA C 128 1.15 -18.89 -28.06
N SER C 129 1.62 -17.73 -27.58
CA SER C 129 2.91 -17.20 -28.02
C SER C 129 4.20 -17.81 -27.49
N SER C 130 4.20 -18.27 -26.24
CA SER C 130 5.41 -18.85 -25.66
C SER C 130 5.35 -20.35 -25.40
N GLY C 131 4.18 -20.96 -25.61
CA GLY C 131 4.02 -22.38 -25.36
C GLY C 131 3.68 -22.74 -23.89
N ALA C 132 3.64 -21.74 -23.02
CA ALA C 132 3.31 -21.99 -21.61
C ALA C 132 2.31 -20.93 -21.16
N LYS C 133 1.38 -21.28 -20.28
CA LYS C 133 0.38 -20.31 -19.81
C LYS C 133 0.96 -19.54 -18.61
N HIS C 134 2.08 -18.86 -18.81
CA HIS C 134 2.76 -18.12 -17.73
C HIS C 134 2.14 -16.75 -17.52
N ALA C 135 2.01 -16.34 -16.27
CA ALA C 135 1.36 -15.08 -15.95
C ALA C 135 2.31 -14.02 -15.40
N ASP C 136 3.62 -14.30 -15.43
CA ASP C 136 4.53 -13.36 -14.80
C ASP C 136 4.76 -12.06 -15.52
N ASN C 137 4.39 -11.97 -16.80
CA ASN C 137 4.46 -10.70 -17.49
C ASN C 137 3.07 -10.07 -17.55
N VAL C 138 2.07 -10.90 -17.71
CA VAL C 138 0.70 -10.44 -17.86
C VAL C 138 0.16 -9.94 -16.50
N ALA C 139 0.69 -10.50 -15.42
CA ALA C 139 0.28 -10.05 -14.08
C ALA C 139 0.67 -8.58 -13.79
N PRO C 140 1.96 -8.22 -13.96
CA PRO C 140 2.38 -6.83 -13.71
C PRO C 140 1.76 -5.87 -14.74
N ALA C 141 1.46 -6.39 -15.91
CA ALA C 141 0.86 -5.55 -16.94
C ALA C 141 -0.53 -5.10 -16.52
N ILE C 142 -1.26 -5.95 -15.80
CA ILE C 142 -2.61 -5.59 -15.38
C ILE C 142 -2.58 -4.83 -14.03
N PHE C 143 -1.87 -5.40 -13.05
CA PHE C 143 -1.80 -4.83 -11.71
C PHE C 143 -0.93 -3.55 -11.50
N GLY C 144 0.12 -3.38 -12.31
CA GLY C 144 1.00 -2.26 -12.15
C GLY C 144 1.93 -2.64 -11.02
N GLY C 145 2.95 -1.82 -10.75
CA GLY C 145 3.85 -2.13 -9.64
C GLY C 145 4.60 -3.44 -9.77
N PHE C 146 4.78 -4.12 -8.62
CA PHE C 146 5.50 -5.40 -8.54
C PHE C 146 4.47 -6.52 -8.22
N THR C 147 4.57 -7.64 -8.93
CA THR C 147 3.66 -8.75 -8.71
C THR C 147 4.43 -10.04 -8.54
N MET C 148 3.80 -11.01 -7.87
CA MET C 148 4.37 -12.31 -7.69
C MET C 148 3.29 -13.34 -8.08
N VAL C 149 3.59 -14.18 -9.07
CA VAL C 149 2.68 -15.23 -9.47
C VAL C 149 3.17 -16.37 -8.58
N THR C 150 2.39 -16.62 -7.55
CA THR C 150 2.72 -17.60 -6.53
C THR C 150 1.99 -18.93 -6.65
N ASN C 151 1.20 -19.10 -7.71
CA ASN C 151 0.47 -20.34 -7.86
C ASN C 151 -0.24 -20.38 -9.20
N TYR C 152 -0.29 -21.57 -9.76
CA TYR C 152 -1.07 -21.84 -10.97
C TYR C 152 -1.94 -22.93 -10.35
N GLU C 153 -2.99 -23.38 -11.01
CA GLU C 153 -3.77 -24.43 -10.36
C GLU C 153 -4.02 -24.17 -8.85
N PRO C 154 -4.76 -23.12 -8.50
CA PRO C 154 -5.37 -22.06 -9.30
C PRO C 154 -4.40 -20.85 -9.37
N LEU C 155 -4.49 -20.07 -10.45
CA LEU C 155 -3.64 -18.89 -10.63
C LEU C 155 -3.86 -17.94 -9.46
N GLU C 156 -2.76 -17.50 -8.84
CA GLU C 156 -2.82 -16.56 -7.74
C GLU C 156 -1.72 -15.54 -8.00
N VAL C 157 -2.06 -14.27 -7.83
CA VAL C 157 -1.14 -13.18 -8.06
C VAL C 157 -1.10 -12.28 -6.80
N LEU C 158 0.08 -12.03 -6.28
CA LEU C 158 0.19 -11.15 -5.11
C LEU C 158 0.81 -9.87 -5.64
N HIS C 159 0.15 -8.74 -5.33
CA HIS C 159 0.58 -7.42 -5.78
C HIS C 159 1.23 -6.55 -4.68
N ILE C 160 2.34 -5.92 -5.00
CA ILE C 160 2.94 -5.01 -4.04
C ILE C 160 3.17 -3.69 -4.77
N PRO C 161 2.36 -2.66 -4.44
CA PRO C 161 2.49 -1.33 -5.07
C PRO C 161 3.87 -0.76 -4.73
N ILE C 162 4.44 -0.01 -5.65
CA ILE C 162 5.73 0.60 -5.38
C ILE C 162 5.34 2.05 -5.10
N ASP C 163 5.34 2.40 -3.81
CA ASP C 163 4.94 3.72 -3.35
C ASP C 163 6.11 4.71 -3.31
N PHE C 164 7.32 4.23 -3.57
CA PHE C 164 8.50 5.09 -3.52
C PHE C 164 9.13 5.29 -4.90
N LYS C 165 10.15 6.15 -4.92
CA LYS C 165 10.85 6.48 -6.15
C LYS C 165 11.70 5.34 -6.65
N LEU C 166 11.49 4.92 -7.89
CA LEU C 166 12.34 3.87 -8.42
C LEU C 166 12.63 4.19 -9.88
N ASP C 167 13.79 4.75 -10.16
CA ASP C 167 14.13 5.04 -11.56
C ASP C 167 14.53 3.77 -12.27
N ILE C 168 14.23 3.70 -13.55
CA ILE C 168 14.54 2.51 -14.30
C ILE C 168 15.21 2.83 -15.60
N LEU C 169 16.25 2.07 -15.93
CA LEU C 169 16.94 2.25 -17.21
C LEU C 169 16.85 0.93 -17.98
N ILE C 170 16.39 0.99 -19.23
CA ILE C 170 16.28 -0.21 -20.05
C ILE C 170 17.13 -0.12 -21.32
N ALA C 171 18.03 -1.08 -21.53
CA ALA C 171 18.83 -1.09 -22.77
C ALA C 171 18.24 -2.22 -23.62
N ILE C 172 17.91 -1.93 -24.87
CA ILE C 172 17.30 -2.93 -25.75
C ILE C 172 18.23 -3.29 -26.92
N PRO C 173 18.97 -4.42 -26.84
CA PRO C 173 19.87 -4.84 -27.92
C PRO C 173 19.04 -5.11 -29.16
N ASN C 174 19.57 -4.82 -30.33
CA ASN C 174 18.83 -5.04 -31.57
C ASN C 174 18.82 -6.49 -32.06
N ILE C 175 18.86 -7.45 -31.14
CA ILE C 175 18.81 -8.86 -31.51
C ILE C 175 17.67 -9.39 -30.67
N SER C 176 17.22 -10.61 -30.95
CA SER C 176 16.11 -11.15 -30.19
C SER C 176 16.32 -12.58 -29.69
N ILE C 177 15.50 -12.96 -28.71
CA ILE C 177 15.55 -14.28 -28.12
C ILE C 177 14.11 -14.80 -28.11
N ASN C 178 13.86 -15.86 -28.87
CA ASN C 178 12.53 -16.47 -28.97
C ASN C 178 12.26 -17.30 -27.69
N THR C 179 11.04 -17.74 -27.47
CA THR C 179 10.70 -18.57 -26.31
C THR C 179 11.17 -20.03 -26.48
N LYS C 180 11.83 -20.34 -27.58
CA LYS C 180 12.35 -21.69 -27.75
C LYS C 180 13.66 -21.50 -27.04
N GLU C 181 14.46 -20.63 -27.65
CA GLU C 181 15.77 -20.26 -27.14
C GLU C 181 15.63 -19.95 -25.63
N ALA C 182 14.38 -19.84 -25.18
CA ALA C 182 14.08 -19.56 -23.78
C ALA C 182 14.47 -20.77 -22.97
N ARG C 183 13.75 -21.87 -23.16
CA ARG C 183 14.03 -23.12 -22.44
C ARG C 183 15.08 -24.03 -23.11
N GLU C 184 16.04 -23.40 -23.78
CA GLU C 184 17.13 -24.12 -24.44
C GLU C 184 18.36 -23.81 -23.60
N ILE C 185 18.20 -22.84 -22.70
CA ILE C 185 19.24 -22.42 -21.77
C ILE C 185 18.90 -23.03 -20.42
N LEU C 186 17.60 -23.22 -20.19
CA LEU C 186 17.04 -23.73 -18.96
C LEU C 186 17.39 -25.11 -18.45
N PRO C 187 18.17 -25.17 -17.36
CA PRO C 187 18.59 -26.42 -16.74
C PRO C 187 17.34 -27.19 -16.35
N LYS C 188 17.46 -28.50 -16.21
CA LYS C 188 16.32 -29.32 -15.81
C LYS C 188 16.34 -29.39 -14.30
N ALA C 189 17.53 -29.32 -13.73
CA ALA C 189 17.71 -29.39 -12.29
C ALA C 189 18.62 -28.34 -11.69
N VAL C 190 18.47 -28.18 -10.39
CA VAL C 190 19.19 -27.20 -9.60
C VAL C 190 19.75 -27.94 -8.39
N GLY C 191 20.82 -27.42 -7.81
CA GLY C 191 21.40 -28.03 -6.63
C GLY C 191 20.66 -27.53 -5.40
N LEU C 192 20.65 -28.34 -4.34
CA LEU C 192 19.96 -27.94 -3.12
C LEU C 192 20.37 -26.53 -2.73
N LYS C 193 21.68 -26.27 -2.72
CA LYS C 193 22.23 -24.98 -2.33
C LYS C 193 21.62 -23.80 -3.09
N ASP C 194 21.24 -24.04 -4.34
CA ASP C 194 20.66 -23.00 -5.15
C ASP C 194 19.22 -22.78 -4.75
N LEU C 195 18.59 -23.80 -4.20
CA LEU C 195 17.23 -23.66 -3.73
C LEU C 195 17.31 -22.78 -2.48
N VAL C 196 18.26 -23.07 -1.61
CA VAL C 196 18.42 -22.29 -0.39
C VAL C 196 18.74 -20.83 -0.77
N ASN C 197 19.68 -20.61 -1.68
CA ASN C 197 20.02 -19.23 -2.07
C ASN C 197 18.85 -18.42 -2.70
N ASN C 198 18.21 -18.97 -3.73
CA ASN C 198 17.17 -18.25 -4.45
C ASN C 198 15.93 -18.00 -3.60
N VAL C 199 15.58 -18.97 -2.75
CA VAL C 199 14.44 -18.75 -1.88
C VAL C 199 14.76 -17.65 -0.88
N GLY C 200 15.97 -17.71 -0.32
CA GLY C 200 16.39 -16.70 0.65
C GLY C 200 16.48 -15.31 0.04
N LYS C 201 17.08 -15.20 -1.14
CA LYS C 201 17.26 -13.91 -1.79
C LYS C 201 15.93 -13.30 -2.31
N ALA C 202 15.08 -14.13 -2.90
CA ALA C 202 13.78 -13.69 -3.43
C ALA C 202 12.95 -13.22 -2.23
N CYS C 203 12.95 -13.97 -1.14
CA CYS C 203 12.20 -13.51 0.05
C CYS C 203 12.78 -12.19 0.57
N GLY C 204 14.11 -12.09 0.50
CA GLY C 204 14.81 -10.88 0.95
C GLY C 204 14.35 -9.68 0.15
N MET C 205 14.12 -9.89 -1.15
CA MET C 205 13.63 -8.83 -2.03
C MET C 205 12.22 -8.37 -1.64
N VAL C 206 11.35 -9.31 -1.23
CA VAL C 206 10.01 -8.93 -0.82
C VAL C 206 10.14 -8.05 0.45
N TYR C 207 10.96 -8.52 1.38
CA TYR C 207 11.24 -7.78 2.63
C TYR C 207 11.72 -6.37 2.23
N ALA C 208 12.66 -6.33 1.29
CA ALA C 208 13.21 -5.07 0.83
C ALA C 208 12.18 -4.08 0.34
N LEU C 209 11.19 -4.53 -0.44
CA LEU C 209 10.20 -3.60 -0.96
C LEU C 209 9.36 -3.06 0.19
N TYR C 210 9.00 -3.89 1.15
CA TYR C 210 8.22 -3.42 2.30
C TYR C 210 9.01 -2.47 3.20
N ASN C 211 10.33 -2.50 3.09
CA ASN C 211 11.17 -1.62 3.90
C ASN C 211 11.78 -0.54 3.03
N LYS C 212 11.31 -0.46 1.78
CA LYS C 212 11.78 0.51 0.81
C LYS C 212 13.29 0.57 0.73
N ASP C 213 13.92 -0.59 0.74
CA ASP C 213 15.37 -0.68 0.70
C ASP C 213 15.77 -1.10 -0.70
N LYS C 214 16.08 -0.12 -1.55
CA LYS C 214 16.47 -0.35 -2.92
C LYS C 214 17.81 -1.06 -3.06
N SER C 215 18.75 -0.77 -2.16
CA SER C 215 20.08 -1.40 -2.19
C SER C 215 19.95 -2.89 -1.91
N LEU C 216 19.21 -3.21 -0.86
CA LEU C 216 19.00 -4.59 -0.50
C LEU C 216 18.28 -5.30 -1.67
N PHE C 217 17.22 -4.69 -2.19
CA PHE C 217 16.49 -5.26 -3.33
C PHE C 217 17.43 -5.57 -4.51
N GLY C 218 18.14 -4.55 -4.98
CA GLY C 218 19.02 -4.71 -6.13
C GLY C 218 20.16 -5.70 -5.95
N ARG C 219 20.74 -5.67 -4.76
CA ARG C 219 21.83 -6.56 -4.44
C ARG C 219 21.35 -8.03 -4.44
N TYR C 220 20.21 -8.33 -3.81
CA TYR C 220 19.72 -9.72 -3.82
C TYR C 220 19.23 -10.08 -5.24
N MET C 221 18.75 -9.09 -5.96
CA MET C 221 18.26 -9.34 -7.30
C MET C 221 19.43 -9.87 -8.16
N MET C 222 20.66 -9.47 -7.82
CA MET C 222 21.85 -9.88 -8.59
C MET C 222 22.53 -11.19 -8.16
N SER C 223 21.89 -11.92 -7.27
CA SER C 223 22.45 -13.17 -6.74
C SER C 223 22.10 -14.48 -7.45
N ASP C 224 21.41 -14.45 -8.58
CA ASP C 224 21.10 -15.73 -9.21
C ASP C 224 22.31 -16.36 -9.87
N LYS C 225 22.50 -17.65 -9.62
CA LYS C 225 23.57 -18.40 -10.23
C LYS C 225 22.98 -19.56 -10.97
N VAL C 226 21.67 -19.60 -11.06
CA VAL C 226 21.04 -20.70 -11.76
C VAL C 226 20.69 -20.40 -13.22
N ILE C 227 20.25 -19.19 -13.51
CA ILE C 227 19.86 -18.88 -14.87
C ILE C 227 20.57 -17.68 -15.49
N GLU C 228 20.80 -16.65 -14.69
CA GLU C 228 21.45 -15.45 -15.17
C GLU C 228 22.78 -15.69 -15.88
N PRO C 229 23.65 -16.53 -15.31
CA PRO C 229 24.97 -16.85 -15.89
C PRO C 229 24.95 -17.39 -17.32
N VAL C 230 24.04 -18.31 -17.59
CA VAL C 230 23.91 -18.89 -18.92
C VAL C 230 23.26 -17.84 -19.85
N ARG C 231 22.11 -17.31 -19.47
CA ARG C 231 21.42 -16.33 -20.30
C ARG C 231 22.23 -15.07 -20.60
N GLY C 232 23.04 -14.63 -19.66
CA GLY C 232 23.80 -13.42 -19.87
C GLY C 232 24.82 -13.54 -20.99
N LYS C 233 25.19 -14.78 -21.29
CA LYS C 233 26.16 -15.07 -22.33
C LYS C 233 25.58 -14.73 -23.67
N LEU C 234 24.26 -14.64 -23.75
CA LEU C 234 23.62 -14.35 -25.02
C LEU C 234 23.53 -12.87 -25.28
N ILE C 235 23.99 -12.07 -24.34
CA ILE C 235 23.85 -10.62 -24.46
C ILE C 235 25.18 -9.91 -24.58
N PRO C 236 25.45 -9.32 -25.74
CA PRO C 236 26.71 -8.61 -25.97
C PRO C 236 27.12 -7.65 -24.86
N ASN C 237 28.27 -7.90 -24.26
CA ASN C 237 28.80 -7.02 -23.23
C ASN C 237 28.01 -6.96 -21.93
N TYR C 238 27.08 -7.89 -21.73
CA TYR C 238 26.27 -7.84 -20.52
C TYR C 238 27.13 -7.80 -19.26
N PHE C 239 28.08 -8.74 -19.13
CA PHE C 239 28.90 -8.76 -17.92
C PHE C 239 29.82 -7.56 -17.76
N LYS C 240 30.30 -7.04 -18.88
CA LYS C 240 31.16 -5.87 -18.82
C LYS C 240 30.30 -4.69 -18.39
N ILE C 241 29.13 -4.55 -19.02
CA ILE C 241 28.21 -3.49 -18.62
C ILE C 241 27.94 -3.54 -17.11
N LYS C 242 27.60 -4.73 -16.61
CA LYS C 242 27.30 -4.93 -15.20
C LYS C 242 28.47 -4.46 -14.34
N GLU C 243 29.66 -4.87 -14.74
CA GLU C 243 30.88 -4.51 -14.04
C GLU C 243 31.09 -3.00 -14.12
N GLU C 244 30.86 -2.44 -15.29
CA GLU C 244 31.10 -1.04 -15.48
C GLU C 244 30.17 -0.07 -14.76
N VAL C 245 28.93 -0.47 -14.47
CA VAL C 245 28.00 0.44 -13.79
C VAL C 245 27.84 0.03 -12.34
N LYS C 246 28.64 -0.96 -11.97
CA LYS C 246 28.66 -1.57 -10.65
C LYS C 246 28.33 -0.75 -9.41
N ASP C 247 28.97 0.38 -9.19
CA ASP C 247 28.63 1.11 -7.96
C ASP C 247 27.69 2.27 -8.17
N LYS C 248 27.13 2.35 -9.37
CA LYS C 248 26.22 3.44 -9.72
C LYS C 248 24.78 2.98 -9.82
N VAL C 249 24.56 1.69 -9.55
CA VAL C 249 23.21 1.16 -9.63
C VAL C 249 22.85 0.38 -8.38
N TYR C 250 21.57 0.37 -8.03
CA TYR C 250 21.20 -0.48 -6.88
C TYR C 250 21.30 -1.91 -7.36
N GLY C 251 21.08 -2.08 -8.66
CA GLY C 251 21.13 -3.41 -9.26
C GLY C 251 20.90 -3.35 -10.74
N ILE C 252 21.33 -4.39 -11.44
CA ILE C 252 21.14 -4.46 -12.86
C ILE C 252 21.09 -5.94 -13.18
N THR C 253 20.20 -6.35 -14.08
CA THR C 253 20.08 -7.75 -14.40
C THR C 253 19.40 -7.89 -15.74
N ILE C 254 19.09 -9.12 -16.12
CA ILE C 254 18.45 -9.37 -17.40
C ILE C 254 16.94 -9.18 -17.29
N SER C 255 16.34 -8.52 -18.26
CA SER C 255 14.90 -8.35 -18.19
C SER C 255 14.19 -9.54 -18.83
N GLY C 256 13.41 -10.28 -18.04
CA GLY C 256 12.71 -11.42 -18.63
C GLY C 256 13.69 -12.43 -19.21
N SER C 257 13.38 -13.00 -20.35
CA SER C 257 14.31 -13.94 -20.94
C SER C 257 15.36 -13.24 -21.83
N GLY C 258 15.49 -11.92 -21.68
CA GLY C 258 16.47 -11.18 -22.46
C GLY C 258 16.06 -10.91 -23.89
N PRO C 259 16.90 -10.25 -24.71
CA PRO C 259 18.25 -9.75 -24.39
C PRO C 259 18.27 -8.39 -23.68
N SER C 260 17.15 -7.69 -23.63
CA SER C 260 17.13 -6.39 -22.95
C SER C 260 17.66 -6.48 -21.51
N ILE C 261 18.24 -5.38 -21.03
CA ILE C 261 18.85 -5.27 -19.73
C ILE C 261 18.08 -4.25 -18.89
N ILE C 262 17.76 -4.57 -17.64
CA ILE C 262 17.08 -3.60 -16.80
C ILE C 262 18.00 -3.13 -15.66
N ALA C 263 18.11 -1.82 -15.45
CA ALA C 263 18.97 -1.29 -14.38
C ALA C 263 18.23 -0.34 -13.46
N PHE C 264 18.60 -0.31 -12.19
CA PHE C 264 17.99 0.58 -11.20
C PHE C 264 19.09 1.50 -10.72
N PRO C 265 19.30 2.61 -11.42
CA PRO C 265 20.34 3.58 -11.07
C PRO C 265 20.15 4.38 -9.79
N LYS C 266 21.26 4.63 -9.10
CA LYS C 266 21.20 5.46 -7.90
C LYS C 266 20.90 6.89 -8.39
N GLU C 267 20.28 7.69 -7.54
CA GLU C 267 19.90 9.05 -7.91
C GLU C 267 21.09 9.87 -8.41
N GLU C 268 22.22 9.71 -7.73
CA GLU C 268 23.44 10.41 -8.07
C GLU C 268 23.94 10.19 -9.49
N PHE C 269 23.97 8.94 -9.93
CA PHE C 269 24.52 8.62 -11.23
C PHE C 269 23.60 8.28 -12.38
N ILE C 270 22.33 8.60 -12.27
CA ILE C 270 21.43 8.21 -13.35
C ILE C 270 21.90 8.65 -14.72
N ASP C 271 22.32 9.91 -14.88
CA ASP C 271 22.77 10.35 -16.22
C ASP C 271 23.96 9.55 -16.71
N GLU C 272 24.90 9.32 -15.81
CA GLU C 272 26.09 8.59 -16.20
C GLU C 272 25.83 7.13 -16.57
N VAL C 273 24.91 6.48 -15.86
CA VAL C 273 24.59 5.08 -16.15
C VAL C 273 23.84 5.03 -17.48
N GLU C 274 23.01 6.04 -17.72
CA GLU C 274 22.30 6.03 -18.96
C GLU C 274 23.29 6.15 -20.13
N ASN C 275 24.30 7.01 -19.97
CA ASN C 275 25.27 7.19 -21.07
C ASN C 275 26.10 5.96 -21.26
N ILE C 276 26.54 5.37 -20.16
CA ILE C 276 27.32 4.17 -20.27
C ILE C 276 26.47 3.17 -21.06
N LEU C 277 25.19 3.00 -20.67
CA LEU C 277 24.33 2.06 -21.40
C LEU C 277 24.19 2.44 -22.87
N ARG C 278 24.12 3.73 -23.18
CA ARG C 278 24.05 4.20 -24.58
C ARG C 278 25.33 3.86 -25.34
N ASP C 279 26.46 3.86 -24.64
CA ASP C 279 27.74 3.53 -25.27
C ASP C 279 27.68 2.14 -25.83
N TYR C 280 26.80 1.31 -25.27
CA TYR C 280 26.68 -0.07 -25.73
C TYR C 280 25.46 -0.29 -26.58
N TYR C 281 24.36 0.33 -26.19
CA TYR C 281 23.12 0.14 -26.90
C TYR C 281 22.39 1.44 -27.11
N GLU C 282 22.39 1.88 -28.36
CA GLU C 282 21.76 3.09 -28.80
C GLU C 282 20.30 3.22 -28.34
N ASN C 283 19.60 2.10 -28.36
CA ASN C 283 18.20 2.11 -27.98
C ASN C 283 18.12 1.89 -26.47
N THR C 284 18.16 2.98 -25.71
CA THR C 284 18.08 2.89 -24.26
C THR C 284 17.02 3.86 -23.79
N ILE C 285 16.22 3.47 -22.80
CA ILE C 285 15.25 4.42 -22.32
C ILE C 285 15.22 4.52 -20.81
N ARG C 286 14.76 5.67 -20.35
CA ARG C 286 14.64 5.97 -18.96
C ARG C 286 13.14 5.95 -18.69
N THR C 287 12.74 5.19 -17.66
CA THR C 287 11.35 5.05 -17.22
C THR C 287 11.33 4.95 -15.72
N GLU C 288 10.23 4.38 -15.27
CA GLU C 288 9.91 4.17 -13.89
C GLU C 288 8.84 3.05 -13.83
N VAL C 289 8.49 2.63 -12.63
CA VAL C 289 7.48 1.62 -12.47
C VAL C 289 6.13 2.17 -12.99
N GLY C 290 5.39 1.36 -13.75
CA GLY C 290 4.10 1.79 -14.24
C GLY C 290 2.95 1.29 -13.37
N LYS C 291 1.74 1.72 -13.73
CA LYS C 291 0.52 1.38 -13.01
C LYS C 291 -0.39 0.38 -13.76
N GLY C 292 0.09 -0.21 -14.84
CA GLY C 292 -0.75 -1.17 -15.53
C GLY C 292 -1.60 -0.61 -16.65
N VAL C 293 -2.31 -1.49 -17.34
CA VAL C 293 -3.13 -1.06 -18.45
C VAL C 293 -4.09 0.04 -17.96
N GLU C 294 -4.26 1.06 -18.80
CA GLU C 294 -5.18 2.16 -18.47
C GLU C 294 -5.87 2.64 -19.74
N VAL C 295 -7.11 3.07 -19.57
CA VAL C 295 -7.91 3.61 -20.64
C VAL C 295 -7.28 4.94 -20.99
N VAL C 296 -7.21 5.24 -22.27
CA VAL C 296 -6.58 6.47 -22.66
C VAL C 296 -7.46 7.34 -23.59
N MET D 1 28.71 -12.35 40.08
CA MET D 1 28.69 -12.01 38.61
C MET D 1 28.10 -13.12 37.73
N LYS D 2 26.79 -13.11 37.57
CA LYS D 2 26.13 -14.13 36.77
C LYS D 2 24.89 -13.63 36.01
N VAL D 3 24.49 -14.37 34.98
CA VAL D 3 23.33 -14.01 34.17
C VAL D 3 22.45 -15.25 33.94
N ARG D 4 21.14 -15.05 34.06
CA ARG D 4 20.19 -16.13 33.85
C ARG D 4 19.32 -15.76 32.67
N VAL D 5 19.22 -16.70 31.76
CA VAL D 5 18.52 -16.45 30.52
C VAL D 5 17.54 -17.56 30.11
N LYS D 6 16.48 -17.18 29.40
CA LYS D 6 15.49 -18.11 28.84
C LYS D 6 15.81 -18.14 27.34
N ALA D 7 16.14 -19.33 26.83
CA ALA D 7 16.49 -19.57 25.43
C ALA D 7 15.39 -20.44 24.81
N PRO D 8 14.54 -19.84 23.99
CA PRO D 8 13.43 -20.57 23.37
C PRO D 8 13.68 -21.57 22.24
N CYS D 9 12.79 -22.56 22.17
CA CYS D 9 12.82 -23.53 21.08
C CYS D 9 12.39 -22.77 19.84
N THR D 10 12.61 -23.38 18.69
CA THR D 10 12.27 -22.76 17.42
C THR D 10 11.81 -23.80 16.36
N SER D 11 11.12 -23.32 15.34
CA SER D 11 10.64 -24.20 14.29
C SER D 11 11.21 -23.68 12.97
N ALA D 12 12.17 -24.41 12.42
CA ALA D 12 12.82 -24.01 11.17
C ALA D 12 12.21 -24.63 9.94
N ASN D 13 12.56 -24.08 8.78
CA ASN D 13 12.07 -24.58 7.50
C ASN D 13 10.63 -24.15 7.12
N LEU D 14 9.64 -24.58 7.90
CA LEU D 14 8.23 -24.23 7.65
C LEU D 14 7.80 -24.54 6.19
N GLY D 15 8.01 -25.79 5.81
CA GLY D 15 7.61 -26.22 4.49
C GLY D 15 8.48 -25.73 3.34
N VAL D 16 8.21 -24.54 2.83
CA VAL D 16 8.97 -24.04 1.68
C VAL D 16 10.18 -23.16 1.95
N GLY D 17 10.53 -22.99 3.22
CA GLY D 17 11.67 -22.18 3.52
C GLY D 17 12.86 -22.98 4.02
N PHE D 18 13.04 -24.18 3.49
CA PHE D 18 14.16 -25.02 3.95
C PHE D 18 15.46 -24.22 4.09
N ASP D 19 16.10 -24.31 5.26
CA ASP D 19 17.35 -23.61 5.55
C ASP D 19 17.29 -22.08 5.50
N VAL D 20 16.08 -21.53 5.50
CA VAL D 20 15.92 -20.09 5.42
C VAL D 20 15.02 -19.57 6.53
N PHE D 21 13.78 -20.03 6.55
CA PHE D 21 12.78 -19.59 7.53
C PHE D 21 12.94 -20.17 8.89
N GLY D 22 12.56 -19.37 9.89
CA GLY D 22 12.56 -19.81 11.27
C GLY D 22 11.48 -19.06 12.04
N LEU D 23 10.88 -19.73 12.99
CA LEU D 23 9.84 -19.06 13.77
C LEU D 23 10.21 -19.34 15.24
N CYS D 24 10.25 -18.28 16.04
CA CYS D 24 10.60 -18.43 17.44
C CYS D 24 9.36 -18.79 18.24
N LEU D 25 9.50 -19.75 19.15
CA LEU D 25 8.36 -20.17 19.96
C LEU D 25 8.48 -19.53 21.33
N LYS D 26 7.36 -19.34 22.00
CA LYS D 26 7.43 -18.79 23.35
C LYS D 26 7.79 -19.99 24.25
N GLU D 27 7.21 -21.14 23.94
CA GLU D 27 7.46 -22.37 24.70
C GLU D 27 7.63 -23.55 23.74
N PRO D 28 8.48 -24.51 24.08
CA PRO D 28 9.36 -24.64 25.27
C PRO D 28 10.63 -23.81 25.25
N TYR D 29 11.37 -23.82 26.35
CA TYR D 29 12.63 -23.09 26.44
C TYR D 29 13.59 -23.64 27.47
N ASP D 30 14.87 -23.35 27.22
CA ASP D 30 15.97 -23.72 28.11
C ASP D 30 16.17 -22.54 29.10
N VAL D 31 16.58 -22.87 30.33
CA VAL D 31 16.92 -21.81 31.30
C VAL D 31 18.41 -22.05 31.43
N ILE D 32 19.20 -21.04 31.10
CA ILE D 32 20.65 -21.16 31.13
C ILE D 32 21.27 -20.09 32.05
N GLU D 33 22.11 -20.53 32.98
CA GLU D 33 22.78 -19.62 33.89
C GLU D 33 24.27 -19.69 33.60
N VAL D 34 24.86 -18.52 33.37
CA VAL D 34 26.27 -18.44 33.09
C VAL D 34 26.91 -17.59 34.18
N GLU D 35 27.98 -18.11 34.75
CA GLU D 35 28.67 -17.42 35.83
C GLU D 35 30.16 -17.39 35.57
N ALA D 36 30.74 -16.20 35.70
CA ALA D 36 32.17 -16.02 35.48
C ALA D 36 32.92 -16.53 36.72
N ILE D 37 33.85 -17.46 36.50
CA ILE D 37 34.63 -18.01 37.58
C ILE D 37 36.11 -17.64 37.39
N ASP D 38 36.74 -17.22 38.48
CA ASP D 38 38.15 -16.79 38.47
C ASP D 38 39.12 -17.70 37.71
N ASP D 39 38.85 -19.00 37.70
CA ASP D 39 39.73 -19.95 37.01
C ASP D 39 39.38 -20.13 35.54
N LYS D 40 40.37 -19.96 34.68
CA LYS D 40 40.16 -20.08 33.24
C LYS D 40 39.77 -21.47 32.74
N GLU D 41 38.62 -21.95 33.21
CA GLU D 41 38.08 -23.24 32.80
C GLU D 41 36.62 -23.03 32.35
N ILE D 42 36.03 -24.06 31.72
CA ILE D 42 34.63 -24.00 31.29
C ILE D 42 33.88 -25.17 31.92
N ILE D 43 33.10 -24.88 32.96
CA ILE D 43 32.33 -25.92 33.65
C ILE D 43 30.88 -25.92 33.20
N ILE D 44 30.36 -27.10 32.91
CA ILE D 44 29.00 -27.25 32.42
C ILE D 44 28.18 -28.27 33.18
N GLU D 45 26.93 -27.92 33.48
CA GLU D 45 25.99 -28.82 34.15
C GLU D 45 24.68 -28.79 33.38
N VAL D 46 24.20 -29.97 32.99
CA VAL D 46 22.93 -30.06 32.26
C VAL D 46 22.03 -30.93 33.13
N ASP D 47 20.71 -30.78 33.00
CA ASP D 47 19.83 -31.58 33.85
C ASP D 47 19.53 -32.99 33.32
N ASP D 48 19.44 -33.17 32.01
CA ASP D 48 19.23 -34.52 31.50
C ASP D 48 20.58 -35.05 31.02
N LYS D 49 20.93 -36.24 31.50
CA LYS D 49 22.21 -36.89 31.19
C LYS D 49 22.29 -37.44 29.79
N ASN D 50 21.34 -37.04 28.96
CA ASN D 50 21.29 -37.46 27.58
C ASN D 50 22.16 -36.48 26.79
N ILE D 51 22.74 -35.52 27.50
CA ILE D 51 23.61 -34.49 26.92
C ILE D 51 25.00 -34.52 27.56
N PRO D 52 26.05 -34.36 26.75
CA PRO D 52 27.45 -34.35 27.20
C PRO D 52 27.69 -33.17 28.13
N THR D 53 28.65 -33.31 29.02
CA THR D 53 28.97 -32.26 29.97
C THR D 53 30.38 -31.74 29.71
N ASP D 54 31.02 -32.33 28.71
CA ASP D 54 32.37 -31.95 28.32
C ASP D 54 32.32 -30.71 27.43
N PRO D 55 32.88 -29.58 27.90
CA PRO D 55 32.92 -28.30 27.20
C PRO D 55 33.40 -28.29 25.76
N ASP D 56 34.08 -29.34 25.34
CA ASP D 56 34.55 -29.38 23.96
C ASP D 56 33.56 -30.17 23.11
N LYS D 57 32.54 -30.72 23.78
CA LYS D 57 31.50 -31.49 23.10
C LYS D 57 30.11 -30.87 23.28
N ASN D 58 29.89 -30.24 24.43
CA ASN D 58 28.61 -29.60 24.68
C ASN D 58 28.56 -28.28 23.92
N VAL D 59 27.56 -28.14 23.06
CA VAL D 59 27.40 -26.94 22.23
C VAL D 59 27.53 -25.62 22.99
N ALA D 60 27.05 -25.57 24.22
CA ALA D 60 27.16 -24.36 25.03
C ALA D 60 28.64 -24.15 25.38
N GLY D 61 29.35 -25.26 25.62
CA GLY D 61 30.76 -25.15 25.95
C GLY D 61 31.55 -24.73 24.74
N ILE D 62 31.16 -25.23 23.57
CA ILE D 62 31.85 -24.90 22.35
C ILE D 62 31.70 -23.44 21.97
N VAL D 63 30.52 -22.88 22.22
CA VAL D 63 30.27 -21.48 21.90
C VAL D 63 30.97 -20.53 22.87
N ALA D 64 30.95 -20.87 24.15
CA ALA D 64 31.58 -20.04 25.17
C ALA D 64 33.09 -19.93 24.93
N LYS D 65 33.71 -21.04 24.55
CA LYS D 65 35.14 -21.03 24.29
C LYS D 65 35.48 -20.08 23.14
N LYS D 66 34.88 -20.32 21.98
CA LYS D 66 35.14 -19.47 20.84
C LYS D 66 34.99 -18.00 21.20
N MET D 67 33.92 -17.67 21.92
CA MET D 67 33.72 -16.28 22.32
C MET D 67 34.73 -15.77 23.36
N ILE D 68 35.19 -16.67 24.22
CA ILE D 68 36.13 -16.27 25.25
C ILE D 68 37.48 -15.87 24.66
N ASP D 69 37.93 -16.59 23.65
CA ASP D 69 39.20 -16.27 23.01
C ASP D 69 39.10 -14.91 22.32
N ASP D 70 38.19 -14.83 21.35
CA ASP D 70 37.97 -13.63 20.58
C ASP D 70 38.04 -12.32 21.34
N PHE D 71 37.45 -12.27 22.53
CA PHE D 71 37.48 -11.02 23.28
C PHE D 71 38.51 -11.03 24.40
N ASN D 72 39.36 -12.05 24.39
CA ASN D 72 40.40 -12.20 25.40
C ASN D 72 39.84 -11.95 26.78
N ILE D 73 38.80 -12.70 27.10
CA ILE D 73 38.13 -12.61 28.38
C ILE D 73 39.02 -13.38 29.35
N GLY D 74 39.30 -12.78 30.49
CA GLY D 74 40.15 -13.44 31.46
C GLY D 74 39.52 -14.64 32.17
N LYS D 75 38.31 -14.43 32.67
CA LYS D 75 37.59 -15.47 33.40
C LYS D 75 37.29 -16.70 32.56
N GLY D 76 36.73 -17.71 33.24
CA GLY D 76 36.29 -18.95 32.61
C GLY D 76 34.83 -18.90 32.99
N VAL D 77 34.03 -19.90 32.61
CA VAL D 77 32.61 -19.85 32.97
C VAL D 77 32.03 -21.18 33.42
N LYS D 78 31.02 -21.08 34.27
CA LYS D 78 30.28 -22.24 34.75
C LYS D 78 28.91 -22.04 34.14
N ILE D 79 28.53 -22.96 33.26
CA ILE D 79 27.23 -22.88 32.57
C ILE D 79 26.26 -23.91 33.13
N THR D 80 25.12 -23.45 33.64
CA THR D 80 24.12 -24.38 34.18
C THR D 80 22.88 -24.42 33.29
N ILE D 81 22.56 -25.60 32.77
CA ILE D 81 21.44 -25.75 31.85
C ILE D 81 20.25 -26.63 32.24
N LYS D 82 19.09 -26.01 32.28
CA LYS D 82 17.86 -26.75 32.51
C LYS D 82 17.26 -26.83 31.09
N LYS D 83 17.09 -28.05 30.56
CA LYS D 83 16.57 -28.24 29.19
C LYS D 83 15.05 -28.09 29.02
N GLY D 84 14.62 -27.40 27.96
CA GLY D 84 13.19 -27.24 27.78
C GLY D 84 12.63 -28.44 27.03
N VAL D 85 13.40 -28.92 26.06
CA VAL D 85 12.94 -30.08 25.32
C VAL D 85 14.12 -30.88 24.80
N LYS D 86 13.91 -32.18 24.64
CA LYS D 86 14.94 -33.09 24.14
C LYS D 86 15.44 -32.69 22.76
N ALA D 87 16.70 -33.02 22.52
CA ALA D 87 17.33 -32.77 21.25
C ALA D 87 16.75 -33.85 20.31
N GLY D 88 16.95 -33.72 19.02
CA GLY D 88 16.42 -34.72 18.12
C GLY D 88 14.89 -34.70 17.96
N SER D 89 14.24 -33.65 18.46
CA SER D 89 12.80 -33.52 18.35
C SER D 89 12.37 -32.59 17.19
N GLY D 90 13.32 -31.80 16.65
CA GLY D 90 13.03 -30.89 15.57
C GLY D 90 12.56 -29.52 16.07
N LEU D 91 12.86 -29.21 17.34
CA LEU D 91 12.47 -27.93 17.94
C LEU D 91 13.64 -27.00 18.27
N GLY D 92 14.79 -27.20 17.61
CA GLY D 92 15.96 -26.36 17.85
C GLY D 92 16.42 -26.41 19.31
N SER D 93 16.56 -27.62 19.85
CA SER D 93 16.99 -27.80 21.23
C SER D 93 18.42 -27.35 21.44
N SER D 94 19.28 -27.79 20.55
CA SER D 94 20.68 -27.47 20.63
C SER D 94 20.88 -25.99 20.31
N ALA D 95 20.16 -25.48 19.32
CA ALA D 95 20.22 -24.07 18.98
C ALA D 95 19.86 -23.19 20.20
N ALA D 96 18.89 -23.63 21.00
CA ALA D 96 18.46 -22.87 22.17
C ALA D 96 19.64 -22.67 23.12
N SER D 97 20.40 -23.73 23.36
CA SER D 97 21.57 -23.67 24.24
C SER D 97 22.69 -22.86 23.60
N SER D 98 22.85 -22.97 22.28
CA SER D 98 23.89 -22.23 21.58
C SER D 98 23.58 -20.73 21.58
N ALA D 99 22.34 -20.38 21.23
CA ALA D 99 21.94 -18.98 21.18
C ALA D 99 21.86 -18.43 22.59
N GLY D 100 21.28 -19.17 23.51
CA GLY D 100 21.18 -18.70 24.88
C GLY D 100 22.57 -18.42 25.47
N THR D 101 23.53 -19.29 25.17
CA THR D 101 24.88 -19.13 25.67
C THR D 101 25.57 -17.95 25.00
N ALA D 102 25.48 -17.85 23.68
CA ALA D 102 26.11 -16.74 22.99
C ALA D 102 25.54 -15.44 23.58
N TYR D 103 24.22 -15.40 23.73
CA TYR D 103 23.56 -14.22 24.29
C TYR D 103 24.00 -13.97 25.76
N ALA D 104 24.09 -15.03 26.56
CA ALA D 104 24.48 -14.89 27.98
C ALA D 104 25.92 -14.35 28.10
N ILE D 105 26.85 -14.91 27.32
CA ILE D 105 28.24 -14.43 27.34
C ILE D 105 28.29 -12.92 27.00
N ASN D 106 27.58 -12.52 25.96
CA ASN D 106 27.49 -11.12 25.54
C ASN D 106 26.98 -10.22 26.69
N GLU D 107 26.03 -10.72 27.46
CA GLU D 107 25.50 -9.92 28.56
C GLU D 107 26.50 -9.88 29.72
N LEU D 108 27.01 -11.04 30.10
CA LEU D 108 27.93 -11.17 31.22
C LEU D 108 29.19 -10.34 31.08
N PHE D 109 29.83 -10.44 29.92
CA PHE D 109 31.04 -9.69 29.68
C PHE D 109 30.88 -8.38 28.91
N LYS D 110 29.63 -7.93 28.78
CA LYS D 110 29.37 -6.66 28.10
C LYS D 110 30.10 -6.51 26.78
N LEU D 111 29.92 -7.48 25.88
CA LEU D 111 30.59 -7.47 24.61
C LEU D 111 29.97 -6.59 23.50
N ASN D 112 28.77 -6.08 23.75
CA ASN D 112 28.06 -5.25 22.78
C ASN D 112 27.92 -5.84 21.36
N LEU D 113 27.64 -7.13 21.29
CA LEU D 113 27.48 -7.78 19.99
C LEU D 113 26.09 -7.55 19.43
N ASP D 114 25.97 -7.26 18.14
CA ASP D 114 24.61 -7.10 17.61
C ASP D 114 24.04 -8.52 17.43
N LYS D 115 22.74 -8.60 17.23
CA LYS D 115 22.05 -9.88 17.10
C LYS D 115 22.62 -10.78 16.01
N LEU D 116 22.97 -10.18 14.88
CA LEU D 116 23.53 -10.95 13.79
C LEU D 116 24.81 -11.64 14.25
N LYS D 117 25.62 -10.89 15.00
CA LYS D 117 26.89 -11.43 15.49
C LYS D 117 26.66 -12.60 16.48
N LEU D 118 25.63 -12.49 17.31
CA LEU D 118 25.30 -13.55 18.26
C LEU D 118 24.86 -14.82 17.50
N VAL D 119 24.07 -14.64 16.43
CA VAL D 119 23.59 -15.77 15.63
C VAL D 119 24.80 -16.45 15.02
N ASP D 120 25.68 -15.63 14.49
CA ASP D 120 26.89 -16.12 13.89
C ASP D 120 27.62 -17.03 14.90
N TYR D 121 27.86 -16.49 16.10
CA TYR D 121 28.54 -17.26 17.13
C TYR D 121 27.80 -18.52 17.54
N ALA D 122 26.49 -18.43 17.68
CA ALA D 122 25.70 -19.60 18.06
C ALA D 122 25.74 -20.65 16.95
N SER D 123 25.85 -20.22 15.70
CA SER D 123 25.85 -21.19 14.61
C SER D 123 27.04 -22.15 14.63
N TYR D 124 28.11 -21.81 15.33
CA TYR D 124 29.25 -22.71 15.40
C TYR D 124 28.90 -23.92 16.25
N GLY D 125 28.06 -23.69 17.25
CA GLY D 125 27.66 -24.80 18.08
C GLY D 125 26.76 -25.72 17.28
N GLU D 126 26.09 -25.16 16.29
CA GLU D 126 25.20 -25.96 15.49
C GLU D 126 25.91 -26.63 14.32
N LEU D 127 27.21 -26.38 14.22
CA LEU D 127 28.02 -26.95 13.17
C LEU D 127 28.84 -28.05 13.84
N ALA D 128 29.59 -27.63 14.85
CA ALA D 128 30.46 -28.47 15.68
C ALA D 128 29.88 -29.85 15.96
N SER D 129 28.58 -29.91 16.21
CA SER D 129 27.90 -31.18 16.48
C SER D 129 26.72 -31.28 15.53
N SER D 130 27.02 -31.27 14.24
CA SER D 130 25.97 -31.37 13.24
C SER D 130 26.42 -31.22 11.80
N GLY D 131 27.64 -30.72 11.60
CA GLY D 131 28.17 -30.58 10.26
C GLY D 131 27.66 -29.44 9.42
N ALA D 132 26.81 -28.59 10.01
CA ALA D 132 26.28 -27.45 9.27
C ALA D 132 25.83 -26.35 10.22
N LYS D 133 25.96 -25.11 9.77
CA LYS D 133 25.58 -23.94 10.53
C LYS D 133 24.30 -23.97 11.38
N HIS D 134 23.18 -24.40 10.81
CA HIS D 134 21.93 -24.45 11.58
C HIS D 134 21.48 -23.02 11.89
N ALA D 135 21.88 -22.06 11.03
CA ALA D 135 21.52 -20.65 11.25
C ALA D 135 20.03 -20.36 11.31
N ASP D 136 19.22 -21.19 10.65
CA ASP D 136 17.78 -20.98 10.63
C ASP D 136 17.07 -21.27 11.91
N ASN D 137 17.73 -21.94 12.84
CA ASN D 137 17.16 -22.15 14.17
C ASN D 137 17.76 -21.10 15.14
N VAL D 138 19.07 -20.85 15.06
CA VAL D 138 19.69 -19.89 15.98
C VAL D 138 19.20 -18.44 15.72
N ALA D 139 18.95 -18.11 14.46
CA ALA D 139 18.46 -16.80 14.08
C ALA D 139 17.13 -16.47 14.79
N PRO D 140 16.10 -17.29 14.61
CA PRO D 140 14.88 -16.92 15.32
C PRO D 140 15.04 -17.00 16.84
N ALA D 141 15.95 -17.82 17.36
CA ALA D 141 16.10 -17.91 18.82
C ALA D 141 16.65 -16.58 19.37
N ILE D 142 17.50 -15.91 18.60
CA ILE D 142 18.06 -14.64 19.01
C ILE D 142 17.08 -13.49 18.73
N PHE D 143 16.66 -13.32 17.46
CA PHE D 143 15.77 -12.23 17.11
C PHE D 143 14.30 -12.29 17.55
N GLY D 144 13.79 -13.49 17.82
CA GLY D 144 12.39 -13.65 18.15
C GLY D 144 11.61 -13.51 16.83
N GLY D 145 10.30 -13.60 16.89
CA GLY D 145 9.49 -13.45 15.68
C GLY D 145 9.77 -14.46 14.58
N PHE D 146 9.79 -13.95 13.35
CA PHE D 146 10.03 -14.77 12.16
C PHE D 146 11.30 -14.27 11.52
N THR D 147 12.18 -15.19 11.15
CA THR D 147 13.43 -14.81 10.55
C THR D 147 13.70 -15.52 9.23
N MET D 148 14.55 -14.91 8.44
CA MET D 148 14.98 -15.43 7.15
C MET D 148 16.50 -15.29 6.99
N VAL D 149 17.20 -16.41 6.87
CA VAL D 149 18.64 -16.41 6.66
C VAL D 149 18.75 -16.33 5.15
N THR D 150 19.04 -15.12 4.69
CA THR D 150 19.14 -14.77 3.29
C THR D 150 20.54 -14.87 2.70
N ASN D 151 21.52 -15.20 3.52
CA ASN D 151 22.86 -15.37 3.00
C ASN D 151 23.73 -16.09 4.01
N TYR D 152 24.65 -16.88 3.51
CA TYR D 152 25.55 -17.58 4.41
C TYR D 152 26.93 -17.14 4.06
N GLU D 153 27.75 -16.90 5.07
CA GLU D 153 29.13 -16.54 4.83
C GLU D 153 29.33 -15.52 3.71
N PRO D 154 29.10 -14.23 4.00
CA PRO D 154 28.72 -13.73 5.32
C PRO D 154 27.23 -13.99 5.62
N LEU D 155 26.98 -14.29 6.87
CA LEU D 155 25.67 -14.57 7.36
C LEU D 155 24.83 -13.29 7.28
N GLU D 156 23.60 -13.43 6.80
CA GLU D 156 22.67 -12.31 6.76
C GLU D 156 21.33 -12.84 7.21
N VAL D 157 20.70 -12.11 8.13
CA VAL D 157 19.41 -12.48 8.66
C VAL D 157 18.41 -11.32 8.58
N LEU D 158 17.20 -11.60 8.09
CA LEU D 158 16.16 -10.59 8.02
C LEU D 158 15.14 -11.03 9.03
N HIS D 159 14.60 -10.06 9.76
CA HIS D 159 13.64 -10.34 10.82
C HIS D 159 12.30 -9.69 10.60
N ILE D 160 11.21 -10.42 10.85
CA ILE D 160 9.89 -9.84 10.69
C ILE D 160 9.13 -10.09 11.99
N PRO D 161 8.82 -9.01 12.72
CA PRO D 161 8.10 -9.09 14.00
C PRO D 161 6.72 -9.65 13.76
N ILE D 162 6.22 -10.45 14.69
CA ILE D 162 4.89 -10.98 14.53
C ILE D 162 4.06 -10.25 15.59
N ASP D 163 3.37 -9.21 15.18
CA ASP D 163 2.57 -8.45 16.12
C ASP D 163 1.20 -9.07 16.30
N PHE D 164 0.52 -9.43 15.23
CA PHE D 164 -0.78 -10.05 15.40
C PHE D 164 -0.61 -11.33 16.23
N LYS D 165 -1.70 -11.84 16.78
CA LYS D 165 -1.56 -13.03 17.59
C LYS D 165 -1.71 -14.28 16.73
N LEU D 166 -0.82 -15.23 16.98
CA LEU D 166 -0.82 -16.44 16.21
C LEU D 166 -0.69 -17.67 17.10
N ASP D 167 -1.79 -18.38 17.32
CA ASP D 167 -1.78 -19.60 18.15
C ASP D 167 -0.96 -20.72 17.52
N ILE D 168 -0.20 -21.41 18.35
CA ILE D 168 0.64 -22.48 17.86
C ILE D 168 0.47 -23.72 18.71
N LEU D 169 0.30 -24.83 18.01
CA LEU D 169 0.20 -26.15 18.61
C LEU D 169 1.38 -26.97 18.13
N ILE D 170 2.06 -27.59 19.08
CA ILE D 170 3.21 -28.41 18.76
C ILE D 170 2.95 -29.83 19.24
N ALA D 171 3.30 -30.80 18.42
CA ALA D 171 3.17 -32.21 18.82
C ALA D 171 4.58 -32.74 18.87
N ILE D 172 4.92 -33.37 19.99
CA ILE D 172 6.25 -33.95 20.22
C ILE D 172 6.13 -35.46 20.42
N PRO D 173 6.23 -36.22 19.32
CA PRO D 173 6.13 -37.69 19.40
C PRO D 173 7.26 -38.23 20.27
N ASN D 174 7.05 -39.39 20.89
CA ASN D 174 8.08 -40.02 21.71
C ASN D 174 9.15 -40.80 20.97
N ILE D 175 9.66 -40.17 19.90
CA ILE D 175 10.73 -40.69 19.08
C ILE D 175 11.59 -39.48 18.74
N SER D 176 12.81 -39.75 18.30
CA SER D 176 13.76 -38.73 17.90
C SER D 176 14.31 -39.02 16.50
N ILE D 177 14.79 -37.97 15.84
CA ILE D 177 15.39 -38.08 14.52
C ILE D 177 16.76 -37.38 14.66
N ASN D 178 17.84 -38.11 14.40
CA ASN D 178 19.19 -37.57 14.52
C ASN D 178 19.35 -36.43 13.54
N THR D 179 19.77 -35.29 14.08
CA THR D 179 19.94 -34.07 13.29
C THR D 179 20.84 -34.20 12.05
N LYS D 180 22.04 -34.73 12.21
CA LYS D 180 22.89 -34.87 11.04
C LYS D 180 22.28 -35.83 10.03
N GLU D 181 21.76 -36.97 10.49
CA GLU D 181 21.16 -37.94 9.57
C GLU D 181 20.01 -37.31 8.78
N ALA D 182 19.24 -36.47 9.48
CA ALA D 182 18.10 -35.78 8.88
C ALA D 182 18.53 -35.00 7.64
N ARG D 183 19.79 -34.55 7.66
CA ARG D 183 20.40 -33.81 6.57
C ARG D 183 20.77 -34.78 5.46
N GLU D 184 21.23 -35.97 5.87
CA GLU D 184 21.63 -37.00 4.93
C GLU D 184 20.50 -37.34 3.96
N ILE D 185 19.32 -37.58 4.50
CA ILE D 185 18.13 -37.93 3.71
C ILE D 185 17.78 -36.99 2.54
N LEU D 186 18.23 -35.74 2.62
CA LEU D 186 17.95 -34.72 1.61
C LEU D 186 18.50 -34.99 0.22
N PRO D 187 17.67 -34.78 -0.83
CA PRO D 187 18.07 -34.98 -2.23
C PRO D 187 19.20 -34.02 -2.60
N LYS D 188 20.04 -34.42 -3.55
CA LYS D 188 21.14 -33.54 -3.93
C LYS D 188 20.69 -32.49 -4.96
N ALA D 189 19.73 -32.86 -5.81
CA ALA D 189 19.25 -31.93 -6.81
C ALA D 189 17.74 -31.77 -6.79
N VAL D 190 17.31 -30.56 -7.15
CA VAL D 190 15.91 -30.18 -7.18
C VAL D 190 15.54 -29.83 -8.61
N GLY D 191 14.31 -30.15 -9.02
CA GLY D 191 13.89 -29.81 -10.38
C GLY D 191 13.49 -28.33 -10.53
N LEU D 192 13.64 -27.81 -11.74
CA LEU D 192 13.30 -26.42 -12.00
C LEU D 192 11.94 -26.06 -11.43
N LYS D 193 10.92 -26.81 -11.84
CA LYS D 193 9.58 -26.55 -11.38
C LYS D 193 9.47 -26.40 -9.88
N ASP D 194 10.24 -27.18 -9.13
CA ASP D 194 10.16 -27.12 -7.69
C ASP D 194 10.83 -25.88 -7.12
N LEU D 195 11.87 -25.40 -7.80
CA LEU D 195 12.56 -24.20 -7.37
C LEU D 195 11.55 -23.06 -7.54
N VAL D 196 10.89 -23.03 -8.70
CA VAL D 196 9.91 -22.00 -8.97
C VAL D 196 8.73 -22.04 -8.00
N ASN D 197 8.29 -23.23 -7.59
CA ASN D 197 7.14 -23.35 -6.66
C ASN D 197 7.48 -22.82 -5.27
N ASN D 198 8.61 -23.27 -4.76
CA ASN D 198 9.09 -22.89 -3.44
C ASN D 198 9.44 -21.39 -3.34
N VAL D 199 10.05 -20.83 -4.37
CA VAL D 199 10.38 -19.43 -4.39
C VAL D 199 9.03 -18.68 -4.32
N GLY D 200 8.09 -19.05 -5.18
CA GLY D 200 6.82 -18.38 -5.16
C GLY D 200 6.05 -18.53 -3.86
N LYS D 201 5.98 -19.74 -3.32
CA LYS D 201 5.22 -19.92 -2.10
C LYS D 201 5.92 -19.26 -0.91
N ALA D 202 7.25 -19.37 -0.87
CA ALA D 202 7.98 -18.76 0.26
C ALA D 202 7.82 -17.23 0.23
N CYS D 203 7.92 -16.61 -0.94
CA CYS D 203 7.72 -15.15 -1.05
C CYS D 203 6.26 -14.79 -0.69
N GLY D 204 5.33 -15.72 -0.99
CA GLY D 204 3.94 -15.52 -0.69
C GLY D 204 3.77 -15.53 0.82
N MET D 205 4.53 -16.40 1.49
CA MET D 205 4.46 -16.39 2.95
C MET D 205 4.95 -15.04 3.55
N VAL D 206 6.00 -14.44 2.97
CA VAL D 206 6.53 -13.17 3.47
C VAL D 206 5.47 -12.09 3.28
N TYR D 207 4.84 -12.11 2.11
CA TYR D 207 3.76 -11.18 1.78
C TYR D 207 2.64 -11.40 2.81
N ALA D 208 2.38 -12.66 3.14
CA ALA D 208 1.32 -12.99 4.07
C ALA D 208 1.59 -12.41 5.45
N LEU D 209 2.83 -12.46 5.91
CA LEU D 209 3.09 -11.89 7.23
C LEU D 209 2.85 -10.38 7.22
N TYR D 210 3.19 -9.70 6.12
CA TYR D 210 3.03 -8.25 6.08
C TYR D 210 1.56 -7.84 6.01
N ASN D 211 0.74 -8.71 5.46
CA ASN D 211 -0.69 -8.42 5.36
C ASN D 211 -1.43 -9.15 6.48
N LYS D 212 -0.66 -9.69 7.44
CA LYS D 212 -1.23 -10.41 8.57
C LYS D 212 -2.30 -11.42 8.12
N ASP D 213 -1.99 -12.19 7.08
CA ASP D 213 -2.90 -13.15 6.51
C ASP D 213 -2.43 -14.59 6.80
N LYS D 214 -2.98 -15.09 7.91
CA LYS D 214 -2.78 -16.42 8.45
C LYS D 214 -3.18 -17.53 7.55
N SER D 215 -4.27 -17.36 6.81
CA SER D 215 -4.71 -18.40 5.88
C SER D 215 -3.74 -18.58 4.74
N LEU D 216 -3.28 -17.47 4.19
CA LEU D 216 -2.35 -17.52 3.07
C LEU D 216 -1.01 -18.09 3.57
N PHE D 217 -0.57 -17.60 4.71
CA PHE D 217 0.71 -18.04 5.25
C PHE D 217 0.69 -19.55 5.44
N GLY D 218 -0.31 -20.03 6.17
CA GLY D 218 -0.40 -21.44 6.48
C GLY D 218 -0.60 -22.30 5.26
N ARG D 219 -1.39 -21.80 4.32
CA ARG D 219 -1.64 -22.58 3.14
C ARG D 219 -0.38 -22.74 2.27
N TYR D 220 0.36 -21.65 2.06
CA TYR D 220 1.58 -21.76 1.25
C TYR D 220 2.66 -22.62 1.89
N MET D 221 2.68 -22.57 3.21
CA MET D 221 3.61 -23.34 4.02
C MET D 221 3.51 -24.85 3.73
N MET D 222 2.32 -25.30 3.36
CA MET D 222 2.06 -26.73 3.11
C MET D 222 2.27 -27.18 1.67
N SER D 223 2.89 -26.33 0.88
CA SER D 223 3.10 -26.63 -0.51
C SER D 223 4.40 -27.28 -0.93
N ASP D 224 5.31 -27.57 0.00
CA ASP D 224 6.57 -28.12 -0.46
C ASP D 224 6.52 -29.55 -1.05
N LYS D 225 7.26 -29.79 -2.12
CA LYS D 225 7.28 -31.14 -2.68
C LYS D 225 8.67 -31.69 -2.78
N VAL D 226 9.64 -30.89 -2.38
CA VAL D 226 11.04 -31.27 -2.43
C VAL D 226 11.52 -31.95 -1.16
N ILE D 227 11.09 -31.45 -0.01
CA ILE D 227 11.61 -32.04 1.20
C ILE D 227 10.58 -32.66 2.13
N GLU D 228 9.41 -32.04 2.24
CA GLU D 228 8.39 -32.59 3.12
C GLU D 228 7.93 -34.03 2.81
N PRO D 229 7.72 -34.38 1.53
CA PRO D 229 7.27 -35.73 1.13
C PRO D 229 8.23 -36.84 1.57
N VAL D 230 9.52 -36.50 1.67
CA VAL D 230 10.55 -37.43 2.07
C VAL D 230 10.57 -37.44 3.61
N ARG D 231 10.92 -36.29 4.17
CA ARG D 231 10.99 -36.13 5.61
C ARG D 231 9.70 -36.65 6.32
N GLY D 232 8.54 -36.48 5.70
CA GLY D 232 7.30 -36.93 6.32
C GLY D 232 7.09 -38.45 6.46
N LYS D 233 7.82 -39.24 5.69
CA LYS D 233 7.70 -40.70 5.73
C LYS D 233 8.28 -41.24 7.03
N LEU D 234 9.15 -40.46 7.67
CA LEU D 234 9.77 -40.89 8.91
C LEU D 234 8.90 -40.56 10.11
N ILE D 235 7.83 -39.78 9.90
CA ILE D 235 6.99 -39.40 11.01
C ILE D 235 5.73 -40.22 10.96
N PRO D 236 5.54 -41.07 11.97
CA PRO D 236 4.35 -41.91 11.98
C PRO D 236 3.05 -41.16 11.89
N ASN D 237 2.20 -41.55 10.94
CA ASN D 237 0.89 -40.94 10.77
C ASN D 237 0.89 -39.47 10.41
N TYR D 238 2.05 -38.92 10.05
CA TYR D 238 2.09 -37.50 9.70
C TYR D 238 1.18 -37.13 8.53
N PHE D 239 1.26 -37.83 7.40
CA PHE D 239 0.38 -37.43 6.31
C PHE D 239 -1.09 -37.60 6.63
N LYS D 240 -1.40 -38.55 7.49
CA LYS D 240 -2.77 -38.81 7.89
C LYS D 240 -3.31 -37.70 8.83
N ILE D 241 -2.53 -37.28 9.82
CA ILE D 241 -3.05 -36.20 10.67
C ILE D 241 -3.18 -34.93 9.86
N LYS D 242 -2.27 -34.74 8.89
CA LYS D 242 -2.32 -33.53 8.07
C LYS D 242 -3.68 -33.47 7.38
N GLU D 243 -4.09 -34.57 6.75
CA GLU D 243 -5.37 -34.64 6.07
C GLU D 243 -6.51 -34.42 7.04
N GLU D 244 -6.45 -35.09 8.18
CA GLU D 244 -7.49 -34.97 9.18
C GLU D 244 -7.73 -33.60 9.82
N VAL D 245 -6.68 -32.81 10.03
CA VAL D 245 -6.92 -31.51 10.65
C VAL D 245 -7.08 -30.43 9.60
N LYS D 246 -6.93 -30.84 8.36
CA LYS D 246 -7.00 -29.99 7.17
C LYS D 246 -7.89 -28.73 7.23
N ASP D 247 -9.18 -28.88 7.54
CA ASP D 247 -10.06 -27.71 7.54
C ASP D 247 -10.07 -26.94 8.84
N LYS D 248 -9.30 -27.41 9.81
CA LYS D 248 -9.29 -26.81 11.12
C LYS D 248 -8.04 -26.04 11.50
N VAL D 249 -7.06 -26.02 10.61
CA VAL D 249 -5.83 -25.29 10.88
C VAL D 249 -5.58 -24.38 9.68
N TYR D 250 -4.83 -23.31 9.91
CA TYR D 250 -4.44 -22.43 8.82
C TYR D 250 -3.36 -23.23 8.07
N GLY D 251 -2.68 -24.08 8.80
CA GLY D 251 -1.64 -24.88 8.17
C GLY D 251 -0.97 -25.77 9.19
N ILE D 252 -0.29 -26.79 8.71
CA ILE D 252 0.40 -27.70 9.62
C ILE D 252 1.54 -28.28 8.82
N THR D 253 2.70 -28.36 9.45
CA THR D 253 3.83 -28.92 8.76
C THR D 253 4.82 -29.52 9.76
N ILE D 254 5.91 -30.04 9.25
CA ILE D 254 6.97 -30.60 10.08
C ILE D 254 7.84 -29.45 10.66
N SER D 255 8.17 -29.55 11.93
CA SER D 255 9.01 -28.57 12.60
C SER D 255 10.46 -29.00 12.42
N GLY D 256 11.24 -28.20 11.70
CA GLY D 256 12.63 -28.53 11.45
C GLY D 256 12.79 -29.88 10.77
N SER D 257 13.63 -30.75 11.32
CA SER D 257 13.79 -32.05 10.67
C SER D 257 12.92 -33.13 11.32
N GLY D 258 12.00 -32.69 12.16
CA GLY D 258 11.09 -33.61 12.81
C GLY D 258 11.68 -34.30 14.03
N PRO D 259 10.93 -35.22 14.64
CA PRO D 259 9.59 -35.62 14.22
C PRO D 259 8.45 -34.76 14.77
N SER D 260 8.76 -33.74 15.58
CA SER D 260 7.69 -32.86 16.10
C SER D 260 6.96 -32.20 14.94
N ILE D 261 5.74 -31.73 15.22
CA ILE D 261 4.87 -31.14 14.23
C ILE D 261 4.36 -29.79 14.72
N ILE D 262 4.34 -28.79 13.84
CA ILE D 262 3.84 -27.48 14.25
C ILE D 262 2.60 -27.16 13.46
N ALA D 263 1.56 -26.72 14.16
CA ALA D 263 0.31 -26.37 13.53
C ALA D 263 -0.19 -24.99 13.99
N PHE D 264 -0.94 -24.31 13.11
CA PHE D 264 -1.52 -23.01 13.40
C PHE D 264 -3.03 -23.26 13.39
N PRO D 265 -3.61 -23.59 14.54
CA PRO D 265 -5.04 -23.84 14.57
C PRO D 265 -5.92 -22.64 14.32
N LYS D 266 -7.06 -22.87 13.70
CA LYS D 266 -8.05 -21.79 13.53
C LYS D 266 -8.57 -21.66 14.97
N GLU D 267 -8.85 -20.44 15.38
CA GLU D 267 -9.33 -20.18 16.73
C GLU D 267 -10.53 -21.00 17.12
N GLU D 268 -11.45 -21.25 16.19
CA GLU D 268 -12.63 -22.05 16.52
C GLU D 268 -12.32 -23.51 16.83
N PHE D 269 -11.19 -24.04 16.34
CA PHE D 269 -10.87 -25.45 16.59
C PHE D 269 -9.60 -25.74 17.39
N ILE D 270 -9.10 -24.76 18.12
CA ILE D 270 -7.85 -24.99 18.83
C ILE D 270 -7.90 -26.20 19.77
N ASP D 271 -8.91 -26.28 20.65
CA ASP D 271 -9.03 -27.44 21.56
C ASP D 271 -9.20 -28.72 20.76
N GLU D 272 -10.08 -28.67 19.77
CA GLU D 272 -10.27 -29.87 19.00
C GLU D 272 -8.98 -30.32 18.31
N VAL D 273 -8.24 -29.37 17.70
CA VAL D 273 -7.00 -29.74 17.03
C VAL D 273 -5.97 -30.24 18.04
N GLU D 274 -5.88 -29.61 19.22
CA GLU D 274 -4.90 -30.11 20.17
C GLU D 274 -5.25 -31.55 20.62
N ASN D 275 -6.55 -31.87 20.72
CA ASN D 275 -6.96 -33.21 21.11
C ASN D 275 -6.60 -34.23 20.04
N ILE D 276 -6.72 -33.85 18.78
CA ILE D 276 -6.36 -34.80 17.73
C ILE D 276 -4.85 -35.02 17.81
N LEU D 277 -4.08 -33.94 18.03
CA LEU D 277 -2.64 -34.11 18.12
C LEU D 277 -2.32 -35.00 19.35
N ARG D 278 -2.96 -34.73 20.48
CA ARG D 278 -2.75 -35.57 21.66
C ARG D 278 -3.11 -37.00 21.35
N ASP D 279 -4.28 -37.23 20.74
CA ASP D 279 -4.66 -38.61 20.42
C ASP D 279 -3.57 -39.38 19.64
N TYR D 280 -3.04 -38.79 18.57
CA TYR D 280 -2.01 -39.45 17.77
C TYR D 280 -0.62 -39.50 18.42
N TYR D 281 -0.21 -38.41 19.03
CA TYR D 281 1.14 -38.32 19.59
C TYR D 281 0.71 -38.08 20.98
N GLU D 282 1.55 -37.91 21.96
CA GLU D 282 0.81 -37.72 23.22
C GLU D 282 1.18 -36.44 23.93
N ASN D 283 2.30 -35.89 23.52
CA ASN D 283 2.77 -34.67 24.07
C ASN D 283 2.43 -33.53 23.15
N THR D 284 1.64 -32.58 23.63
CA THR D 284 1.37 -31.40 22.82
C THR D 284 1.71 -30.18 23.67
N ILE D 285 1.93 -29.05 23.02
CA ILE D 285 2.19 -27.83 23.74
C ILE D 285 1.46 -26.74 23.00
N ARG D 286 0.83 -25.85 23.75
CA ARG D 286 0.12 -24.75 23.12
C ARG D 286 0.94 -23.47 23.40
N THR D 287 1.39 -22.77 22.34
CA THR D 287 2.18 -21.53 22.51
C THR D 287 1.79 -20.49 21.50
N GLU D 288 2.76 -19.64 21.21
CA GLU D 288 2.57 -18.55 20.26
C GLU D 288 3.97 -18.09 19.90
N VAL D 289 4.09 -17.07 19.07
CA VAL D 289 5.41 -16.62 18.68
C VAL D 289 6.13 -15.98 19.86
N GLY D 290 7.40 -16.32 20.04
CA GLY D 290 8.19 -15.79 21.13
C GLY D 290 9.08 -14.64 20.71
N LYS D 291 9.76 -14.07 21.69
CA LYS D 291 10.59 -12.90 21.42
C LYS D 291 12.08 -13.14 21.44
N GLY D 292 12.53 -14.38 21.52
CA GLY D 292 13.98 -14.57 21.53
C GLY D 292 14.53 -14.67 22.95
N VAL D 293 15.81 -14.98 23.06
CA VAL D 293 16.46 -15.12 24.35
C VAL D 293 16.28 -13.80 25.09
N GLU D 294 15.95 -13.92 26.37
CA GLU D 294 15.73 -12.76 27.24
C GLU D 294 16.27 -13.11 28.61
N VAL D 295 16.76 -12.07 29.31
CA VAL D 295 17.32 -12.23 30.65
C VAL D 295 16.17 -12.55 31.57
N VAL D 296 16.35 -13.55 32.43
CA VAL D 296 15.27 -13.89 33.34
C VAL D 296 15.49 -13.26 34.71
#